data_3DH1
#
_entry.id   3DH1
#
_cell.length_a   47.530
_cell.length_b   103.120
_cell.length_c   77.590
_cell.angle_alpha   90.00
_cell.angle_beta   97.60
_cell.angle_gamma   90.00
#
_symmetry.space_group_name_H-M   'P 1 21 1'
#
loop_
_entity.id
_entity.type
_entity.pdbx_description
1 polymer 'tRNA-specific adenosine deaminase 2'
2 non-polymer 'ZINC ION'
3 water water
#
_entity_poly.entity_id   1
_entity_poly.type   'polypeptide(L)'
_entity_poly.pdbx_seq_one_letter_code
;MHHHHHHSSGVDLGTENLYFQSMEETEKWMEEAMHMAKEALENTEVPVGCLMVYNNEVVGKGRNEVNQTKNATRHAEMVA
IDQVLDWCRQSGKSPSEVFEHTVLYVTVEPCIMCAAALRLMKIPLVVYGCQNERFGGCGSVLNIASADLPNTGRPFQCIP
GYRAEEAVEMLKTFYKQENPNAPKSKVRK
;
_entity_poly.pdbx_strand_id   A,B,C,D
#
# COMPACT_ATOMS: atom_id res chain seq x y z
N GLU A 16 14.72 8.87 -7.61
CA GLU A 16 13.30 8.59 -7.24
C GLU A 16 12.67 7.53 -8.13
N ASN A 17 13.41 7.08 -9.15
CA ASN A 17 12.88 6.09 -10.08
C ASN A 17 13.26 4.70 -9.61
N LEU A 18 12.41 4.10 -8.80
CA LEU A 18 12.72 2.78 -8.22
C LEU A 18 12.48 1.62 -9.18
N TYR A 19 13.28 0.56 -9.03
CA TYR A 19 13.25 -0.60 -9.91
C TYR A 19 12.41 -1.70 -9.29
N PHE A 20 11.57 -2.33 -10.13
CA PHE A 20 10.62 -3.39 -9.70
C PHE A 20 11.14 -4.73 -10.18
N GLN A 21 11.19 -5.70 -9.30
CA GLN A 21 11.64 -7.04 -9.67
C GLN A 21 10.60 -7.74 -10.57
N SER A 22 11.09 -8.41 -11.62
CA SER A 22 10.24 -9.09 -12.57
C SER A 22 9.86 -10.46 -12.05
N MET A 23 9.08 -11.22 -12.83
CA MET A 23 8.72 -12.60 -12.47
C MET A 23 9.93 -13.51 -12.38
N GLU A 24 10.82 -13.46 -13.36
CA GLU A 24 12.01 -14.30 -13.32
C GLU A 24 12.86 -13.92 -12.13
N GLU A 25 13.02 -12.61 -11.93
CA GLU A 25 13.78 -12.14 -10.77
C GLU A 25 13.20 -12.57 -9.42
N THR A 26 11.86 -12.62 -9.33
CA THR A 26 11.15 -13.14 -8.15
C THR A 26 11.51 -14.63 -8.01
N GLU A 27 11.37 -15.39 -9.09
CA GLU A 27 11.74 -16.77 -9.06
C GLU A 27 13.16 -16.93 -8.57
N LYS A 28 14.06 -16.10 -9.08
CA LYS A 28 15.43 -16.11 -8.60
C LYS A 28 15.55 -15.93 -7.07
N TRP A 29 14.91 -14.91 -6.50
CA TRP A 29 15.02 -14.66 -5.07
C TRP A 29 14.42 -15.76 -4.21
N MET A 30 13.33 -16.36 -4.69
CA MET A 30 12.70 -17.48 -3.99
C MET A 30 13.58 -18.72 -3.94
N GLU A 31 14.32 -18.98 -5.02
CA GLU A 31 15.28 -20.08 -5.03
C GLU A 31 16.33 -19.86 -3.95
N GLU A 32 16.82 -18.64 -3.83
CA GLU A 32 17.81 -18.31 -2.81
C GLU A 32 17.21 -18.48 -1.42
N ALA A 33 15.97 -18.04 -1.21
CA ALA A 33 15.29 -18.27 0.08
C ALA A 33 15.12 -19.76 0.41
N MET A 34 15.01 -20.57 -0.65
CA MET A 34 14.85 -22.02 -0.51
C MET A 34 16.13 -22.70 -0.04
N HIS A 35 17.24 -22.24 -0.59
CA HIS A 35 18.53 -22.72 -0.16
C HIS A 35 18.75 -22.40 1.31
N MET A 36 18.41 -21.18 1.70
CA MET A 36 18.52 -20.75 3.09
C MET A 36 17.67 -21.60 4.02
N ALA A 37 16.47 -21.96 3.57
CA ALA A 37 15.62 -22.85 4.33
C ALA A 37 16.31 -24.22 4.51
N LYS A 38 16.97 -24.73 3.46
CA LYS A 38 17.80 -25.96 3.59
C LYS A 38 18.85 -25.86 4.69
N GLU A 39 19.66 -24.81 4.63
CA GLU A 39 20.63 -24.50 5.68
C GLU A 39 19.98 -24.44 7.08
N ALA A 40 18.79 -23.84 7.20
CA ALA A 40 18.14 -23.78 8.50
C ALA A 40 17.82 -25.21 9.00
N LEU A 41 17.20 -26.00 8.13
CA LEU A 41 16.89 -27.41 8.44
C LEU A 41 18.10 -28.15 9.06
N GLU A 42 19.24 -28.03 8.38
CA GLU A 42 20.44 -28.76 8.73
C GLU A 42 21.15 -28.20 9.95
N ASN A 43 20.71 -27.01 10.40
CA ASN A 43 21.12 -26.44 11.69
C ASN A 43 20.05 -26.64 12.78
N THR A 44 19.18 -27.64 12.61
CA THR A 44 18.09 -27.88 13.57
C THR A 44 17.22 -26.65 13.86
N GLU A 45 16.96 -25.85 12.83
CA GLU A 45 16.06 -24.70 12.95
C GLU A 45 14.85 -24.94 12.05
N VAL A 46 13.73 -24.30 12.41
CA VAL A 46 12.54 -24.36 11.57
C VAL A 46 13.06 -23.88 10.23
N PRO A 47 12.86 -24.65 9.14
CA PRO A 47 13.36 -24.26 7.80
C PRO A 47 12.57 -23.15 7.12
N VAL A 48 12.89 -21.93 7.49
CA VAL A 48 12.35 -20.74 6.88
C VAL A 48 13.59 -19.89 6.53
N GLY A 49 13.71 -19.52 5.27
CA GLY A 49 14.71 -18.55 4.83
C GLY A 49 14.00 -17.38 4.18
N CYS A 50 14.56 -16.18 4.26
CA CYS A 50 13.98 -15.08 3.51
C CYS A 50 14.96 -13.97 3.10
N LEU A 51 14.59 -13.22 2.04
CA LEU A 51 15.36 -12.11 1.48
C LEU A 51 14.48 -10.83 1.41
N MET A 52 15.08 -9.66 1.52
CA MET A 52 14.33 -8.46 1.28
C MET A 52 15.07 -7.59 0.24
N VAL A 53 14.35 -7.28 -0.83
CA VAL A 53 14.93 -6.56 -1.96
C VAL A 53 14.36 -5.12 -2.07
N TYR A 54 15.26 -4.15 -2.18
CA TYR A 54 14.89 -2.74 -2.35
C TYR A 54 15.68 -2.18 -3.50
N ASN A 55 15.00 -1.54 -4.43
CA ASN A 55 15.60 -0.95 -5.62
C ASN A 55 16.68 -1.83 -6.22
N ASN A 56 16.32 -3.09 -6.40
CA ASN A 56 17.19 -4.07 -7.07
C ASN A 56 18.44 -4.47 -6.30
N GLU A 57 18.38 -4.35 -4.99
CA GLU A 57 19.50 -4.68 -4.13
C GLU A 57 18.97 -5.59 -3.03
N VAL A 58 19.79 -6.56 -2.63
CA VAL A 58 19.45 -7.46 -1.54
C VAL A 58 19.81 -6.74 -0.26
N VAL A 59 18.78 -6.22 0.39
CA VAL A 59 18.95 -5.34 1.53
C VAL A 59 18.80 -6.06 2.92
N GLY A 60 18.40 -7.34 2.93
CA GLY A 60 18.33 -8.12 4.15
C GLY A 60 18.07 -9.60 3.87
N LYS A 61 18.77 -10.47 4.59
CA LYS A 61 18.60 -11.93 4.52
C LYS A 61 18.27 -12.44 5.93
N GLY A 62 17.72 -13.64 6.01
CA GLY A 62 17.49 -14.20 7.33
C GLY A 62 16.95 -15.60 7.33
N ARG A 63 17.43 -16.40 8.27
CA ARG A 63 16.89 -17.70 8.58
C ARG A 63 16.41 -17.66 10.00
N ASN A 64 15.55 -18.62 10.36
CA ASN A 64 15.25 -18.84 11.77
C ASN A 64 16.50 -19.13 12.58
N GLU A 65 16.59 -18.46 13.74
CA GLU A 65 17.71 -18.60 14.68
C GLU A 65 17.22 -18.94 16.12
N VAL A 66 15.99 -19.44 16.26
CA VAL A 66 15.39 -19.62 17.57
C VAL A 66 16.24 -20.45 18.52
N ASN A 67 16.84 -21.55 18.01
CA ASN A 67 17.63 -22.49 18.83
C ASN A 67 19.04 -22.01 19.12
N GLN A 68 19.70 -21.56 18.06
CA GLN A 68 21.03 -20.96 18.16
C GLN A 68 21.00 -19.83 19.17
N THR A 69 19.99 -18.99 19.02
CA THR A 69 19.85 -17.77 19.81
C THR A 69 19.08 -17.98 21.12
N LYS A 70 18.28 -19.07 21.18
CA LYS A 70 17.40 -19.39 22.30
C LYS A 70 16.42 -18.27 22.64
N ASN A 71 15.96 -17.58 21.61
CA ASN A 71 15.00 -16.51 21.71
C ASN A 71 13.88 -16.83 20.73
N ALA A 72 12.70 -17.11 21.28
CA ALA A 72 11.55 -17.59 20.50
C ALA A 72 11.04 -16.63 19.43
N THR A 73 11.42 -15.35 19.48
CA THR A 73 10.98 -14.35 18.49
C THR A 73 11.90 -14.21 17.24
N ARG A 74 13.09 -14.81 17.22
CA ARG A 74 14.01 -14.65 16.06
C ARG A 74 13.68 -15.58 14.91
N HIS A 75 12.53 -15.27 14.31
CA HIS A 75 12.04 -15.84 13.08
C HIS A 75 12.80 -15.19 11.92
N ALA A 76 12.98 -15.92 10.83
CA ALA A 76 13.73 -15.46 9.65
C ALA A 76 13.41 -14.04 9.28
N GLU A 77 12.14 -13.70 9.37
CA GLU A 77 11.64 -12.37 8.97
C GLU A 77 12.20 -11.28 9.90
N MET A 78 12.30 -11.58 11.19
CA MET A 78 12.81 -10.63 12.20
C MET A 78 14.34 -10.43 12.07
N VAL A 79 15.05 -11.49 11.73
CA VAL A 79 16.48 -11.43 11.40
C VAL A 79 16.71 -10.47 10.21
N ALA A 80 15.93 -10.67 9.15
CA ALA A 80 15.99 -9.86 7.94
C ALA A 80 15.71 -8.37 8.21
N ILE A 81 14.66 -8.09 8.97
CA ILE A 81 14.30 -6.71 9.32
C ILE A 81 15.45 -6.01 10.03
N ASP A 82 16.10 -6.70 10.97
CA ASP A 82 17.26 -6.13 11.65
C ASP A 82 18.36 -5.81 10.65
N GLN A 83 18.55 -6.68 9.67
CA GLN A 83 19.57 -6.46 8.62
C GLN A 83 19.27 -5.27 7.71
N VAL A 84 18.01 -5.15 7.30
CA VAL A 84 17.56 -3.98 6.57
C VAL A 84 17.77 -2.71 7.38
N LEU A 85 17.31 -2.68 8.62
CA LEU A 85 17.65 -1.52 9.48
C LEU A 85 19.15 -1.24 9.52
N ASP A 86 19.98 -2.29 9.48
CA ASP A 86 21.43 -2.11 9.48
C ASP A 86 21.96 -1.53 8.17
N TRP A 87 21.33 -1.92 7.08
CA TRP A 87 21.64 -1.42 5.76
C TRP A 87 21.31 0.05 5.64
N CYS A 88 20.19 0.44 6.23
CA CYS A 88 19.80 1.84 6.31
C CYS A 88 20.83 2.67 7.00
N ARG A 89 21.28 2.23 8.17
CA ARG A 89 22.30 2.99 8.88
C ARG A 89 23.44 3.40 8.00
N GLN A 90 23.90 2.47 7.17
CA GLN A 90 25.12 2.63 6.42
C GLN A 90 24.94 3.25 5.05
N SER A 91 23.71 3.24 4.55
CA SER A 91 23.42 3.80 3.24
C SER A 91 22.96 5.25 3.35
N GLY A 92 22.61 5.68 4.57
CA GLY A 92 22.14 7.03 4.85
C GLY A 92 20.66 7.19 4.59
N LYS A 93 20.02 6.14 4.10
CA LYS A 93 18.61 6.20 3.74
C LYS A 93 17.77 5.96 5.01
N SER A 94 16.55 6.51 5.03
CA SER A 94 15.66 6.32 6.18
C SER A 94 14.87 5.03 6.02
N PRO A 95 14.61 4.33 7.15
CA PRO A 95 13.83 3.10 7.21
C PRO A 95 12.46 3.13 6.52
N SER A 96 11.68 4.18 6.72
CA SER A 96 10.37 4.32 6.08
C SER A 96 10.49 4.42 4.55
N GLU A 97 11.47 5.15 4.06
CA GLU A 97 11.74 5.26 2.62
C GLU A 97 12.17 3.92 1.95
N VAL A 98 12.70 2.99 2.74
CA VAL A 98 13.20 1.72 2.21
C VAL A 98 12.16 0.64 2.36
N PHE A 99 11.70 0.42 3.61
CA PHE A 99 10.71 -0.63 3.89
C PHE A 99 9.46 -0.43 3.07
N GLU A 100 9.03 0.81 2.87
CA GLU A 100 7.82 1.04 2.08
C GLU A 100 7.94 0.66 0.59
N HIS A 101 9.14 0.30 0.14
CA HIS A 101 9.36 -0.13 -1.24
C HIS A 101 10.17 -1.42 -1.31
N THR A 102 10.11 -2.20 -0.25
CA THR A 102 10.84 -3.47 -0.11
C THR A 102 9.90 -4.66 -0.32
N VAL A 103 10.30 -5.62 -1.16
CA VAL A 103 9.52 -6.84 -1.32
C VAL A 103 10.21 -7.90 -0.48
N LEU A 104 9.40 -8.63 0.30
CA LEU A 104 9.87 -9.76 1.11
C LEU A 104 9.64 -11.07 0.35
N TYR A 105 10.65 -11.94 0.34
CA TYR A 105 10.55 -13.27 -0.31
C TYR A 105 10.79 -14.36 0.77
N VAL A 106 9.77 -15.15 1.12
CA VAL A 106 9.85 -16.12 2.23
C VAL A 106 9.37 -17.54 1.92
N THR A 107 10.01 -18.50 2.55
CA THR A 107 9.70 -19.91 2.35
C THR A 107 8.34 -20.38 2.93
N VAL A 108 7.96 -19.87 4.10
CA VAL A 108 6.71 -20.20 4.73
C VAL A 108 5.91 -18.95 4.99
N GLU A 109 4.60 -19.07 4.89
CA GLU A 109 3.69 -18.00 5.28
C GLU A 109 4.08 -17.38 6.63
N PRO A 110 4.30 -16.07 6.67
CA PRO A 110 4.53 -15.39 7.94
C PRO A 110 3.49 -15.68 9.03
N CYS A 111 3.95 -15.89 10.26
CA CYS A 111 3.07 -16.14 11.39
C CYS A 111 2.35 -14.88 11.82
N ILE A 112 1.46 -15.02 12.79
CA ILE A 112 0.73 -13.87 13.29
C ILE A 112 1.66 -12.79 13.80
N MET A 113 2.72 -13.18 14.53
CA MET A 113 3.70 -12.19 15.04
C MET A 113 4.38 -11.39 13.92
N CYS A 114 4.94 -12.12 12.95
CA CYS A 114 5.60 -11.52 11.81
C CYS A 114 4.69 -10.68 10.89
N ALA A 115 3.57 -11.22 10.50
CA ALA A 115 2.59 -10.45 9.76
C ALA A 115 2.25 -9.12 10.47
N ALA A 116 1.99 -9.14 11.78
CA ALA A 116 1.75 -7.89 12.52
C ALA A 116 2.94 -6.92 12.37
N ALA A 117 4.15 -7.47 12.41
CA ALA A 117 5.37 -6.68 12.24
C ALA A 117 5.43 -6.04 10.87
N LEU A 118 5.18 -6.83 9.82
CA LEU A 118 5.25 -6.38 8.45
C LEU A 118 4.26 -5.29 8.19
N ARG A 119 3.06 -5.40 8.78
CA ARG A 119 2.12 -4.26 8.76
C ARG A 119 2.72 -2.99 9.36
N LEU A 120 3.31 -3.13 10.54
CA LEU A 120 3.89 -2.00 11.22
C LEU A 120 5.11 -1.37 10.50
N MET A 121 5.94 -2.20 9.87
CA MET A 121 7.04 -1.74 9.02
C MET A 121 6.57 -1.22 7.66
N LYS A 122 5.35 -1.60 7.24
CA LYS A 122 4.72 -1.15 5.98
C LYS A 122 5.37 -1.69 4.74
N ILE A 123 5.92 -2.91 4.84
CA ILE A 123 6.32 -3.64 3.65
C ILE A 123 5.04 -3.85 2.85
N PRO A 124 5.02 -3.45 1.55
CA PRO A 124 3.88 -3.58 0.65
C PRO A 124 3.62 -4.94 -0.04
N LEU A 125 4.65 -5.77 -0.24
CA LEU A 125 4.46 -7.05 -0.92
C LEU A 125 5.29 -8.19 -0.32
N VAL A 126 4.60 -9.29 0.06
CA VAL A 126 5.23 -10.52 0.48
C VAL A 126 4.97 -11.59 -0.57
N VAL A 127 6.02 -12.27 -1.03
CA VAL A 127 5.86 -13.41 -1.91
C VAL A 127 6.28 -14.56 -1.07
N TYR A 128 5.40 -15.55 -0.93
CA TYR A 128 5.73 -16.71 -0.12
C TYR A 128 5.42 -18.09 -0.72
N GLY A 129 5.90 -19.11 -0.04
CA GLY A 129 5.79 -20.48 -0.47
C GLY A 129 4.57 -21.23 0.03
N CYS A 130 4.76 -22.17 0.94
CA CYS A 130 3.66 -22.95 1.45
C CYS A 130 2.95 -22.26 2.64
N GLN A 131 1.81 -22.82 3.02
CA GLN A 131 0.99 -22.29 4.09
C GLN A 131 1.61 -22.55 5.46
N ASN A 132 1.21 -21.73 6.44
CA ASN A 132 1.57 -21.93 7.82
C ASN A 132 0.32 -22.36 8.63
N GLU A 133 0.05 -23.65 8.65
CA GLU A 133 -1.19 -24.16 9.25
C GLU A 133 -1.33 -23.91 10.75
N ARG A 134 -0.22 -23.98 11.48
CA ARG A 134 -0.21 -23.76 12.91
C ARG A 134 -0.38 -22.28 13.30
N PHE A 135 0.35 -21.37 12.65
CA PHE A 135 0.32 -19.96 13.08
C PHE A 135 0.28 -18.89 11.95
N GLY A 136 -0.15 -19.29 10.76
CA GLY A 136 -0.27 -18.36 9.65
C GLY A 136 -1.10 -17.09 9.93
N GLY A 137 -0.54 -15.93 9.57
CA GLY A 137 -1.22 -14.64 9.60
C GLY A 137 -1.57 -13.99 8.24
N CYS A 138 -1.59 -14.77 7.18
CA CYS A 138 -2.00 -14.26 5.88
C CYS A 138 -3.23 -14.94 5.33
N GLY A 139 -3.95 -15.65 6.19
CA GLY A 139 -5.11 -16.40 5.76
C GLY A 139 -5.35 -17.72 6.48
N SER A 140 -4.29 -18.42 6.91
CA SER A 140 -4.46 -19.78 7.46
C SER A 140 -5.18 -19.78 8.80
N VAL A 141 -4.59 -19.12 9.77
CA VAL A 141 -5.24 -19.01 11.06
C VAL A 141 -5.93 -17.64 11.22
N LEU A 142 -5.26 -16.59 10.76
CA LEU A 142 -5.84 -15.26 10.75
C LEU A 142 -5.31 -14.56 9.51
N ASN A 143 -5.99 -13.50 9.10
CA ASN A 143 -5.46 -12.73 7.97
C ASN A 143 -5.14 -11.30 8.36
N ILE A 144 -4.02 -11.14 9.06
CA ILE A 144 -3.56 -9.84 9.50
C ILE A 144 -3.11 -9.01 8.30
N ALA A 145 -2.52 -9.68 7.29
CA ALA A 145 -2.06 -9.01 6.07
C ALA A 145 -3.15 -8.10 5.46
N SER A 146 -4.42 -8.55 5.46
CA SER A 146 -5.47 -7.81 4.76
C SER A 146 -6.53 -7.22 5.68
N ALA A 147 -6.23 -7.19 6.97
CA ALA A 147 -7.20 -6.75 7.97
C ALA A 147 -7.44 -5.26 7.87
N ASP A 148 -8.70 -4.89 7.99
CA ASP A 148 -9.13 -3.49 8.06
C ASP A 148 -8.78 -2.86 9.42
N LEU A 149 -7.62 -2.21 9.51
CA LEU A 149 -7.12 -1.71 10.78
C LEU A 149 -6.61 -0.31 10.50
N PRO A 150 -7.47 0.68 10.72
CA PRO A 150 -7.23 2.01 10.16
C PRO A 150 -5.89 2.66 10.56
N ASN A 151 -5.54 2.61 11.85
CA ASN A 151 -4.45 3.46 12.35
C ASN A 151 -3.22 2.65 12.83
N THR A 152 -3.07 1.46 12.27
CA THR A 152 -1.96 0.59 12.65
C THR A 152 -1.31 0.00 11.42
N GLY A 153 -0.20 0.59 10.97
CA GLY A 153 0.54 0.12 9.79
C GLY A 153 -0.25 0.26 8.50
N ARG A 154 0.12 -0.52 7.49
CA ARG A 154 -0.65 -0.59 6.25
C ARG A 154 -0.94 -2.04 5.94
N PRO A 155 -2.07 -2.32 5.28
CA PRO A 155 -2.29 -3.70 4.84
C PRO A 155 -1.36 -4.04 3.69
N PHE A 156 -1.04 -5.32 3.54
CA PHE A 156 -0.18 -5.69 2.45
C PHE A 156 -0.69 -6.86 1.63
N GLN A 157 -0.03 -7.03 0.50
CA GLN A 157 -0.40 -7.99 -0.53
C GLN A 157 0.52 -9.22 -0.41
N CYS A 158 -0.04 -10.38 -0.77
CA CYS A 158 0.68 -11.67 -0.77
C CYS A 158 0.57 -12.38 -2.11
N ILE A 159 1.64 -13.07 -2.51
CA ILE A 159 1.61 -13.99 -3.67
C ILE A 159 2.08 -15.31 -3.13
N PRO A 160 1.15 -16.10 -2.59
CA PRO A 160 1.51 -17.39 -2.05
C PRO A 160 1.82 -18.43 -3.11
N GLY A 161 2.41 -19.54 -2.67
CA GLY A 161 2.38 -20.78 -3.42
C GLY A 161 3.60 -21.05 -4.26
N TYR A 162 4.55 -20.13 -4.32
CA TYR A 162 5.71 -20.39 -5.15
C TYR A 162 6.51 -21.57 -4.54
N ARG A 163 6.55 -22.70 -5.25
CA ARG A 163 7.16 -23.95 -4.76
C ARG A 163 6.70 -24.40 -3.36
N ALA A 164 5.41 -24.25 -3.07
CA ALA A 164 4.82 -24.70 -1.81
C ALA A 164 5.16 -26.15 -1.47
N GLU A 165 5.14 -27.05 -2.46
CA GLU A 165 5.30 -28.48 -2.20
C GLU A 165 6.62 -28.80 -1.50
N GLU A 166 7.70 -28.30 -2.06
CA GLU A 166 9.00 -28.45 -1.42
C GLU A 166 9.06 -27.79 -0.06
N ALA A 167 8.52 -26.59 0.05
CA ALA A 167 8.46 -25.90 1.33
C ALA A 167 7.68 -26.70 2.39
N VAL A 168 6.52 -27.23 2.08
CA VAL A 168 5.83 -28.05 3.08
C VAL A 168 6.56 -29.38 3.36
N GLU A 169 7.20 -29.94 2.33
CA GLU A 169 7.99 -31.15 2.54
C GLU A 169 9.12 -30.94 3.56
N MET A 170 9.78 -29.80 3.52
CA MET A 170 10.84 -29.50 4.47
C MET A 170 10.29 -29.36 5.88
N LEU A 171 9.24 -28.55 6.02
CA LEU A 171 8.59 -28.35 7.31
C LEU A 171 8.14 -29.67 7.91
N LYS A 172 7.57 -30.54 7.07
CA LYS A 172 7.05 -31.83 7.56
C LYS A 172 8.18 -32.68 8.08
N THR A 173 9.27 -32.72 7.35
CA THR A 173 10.40 -33.53 7.74
C THR A 173 10.96 -32.99 9.05
N PHE A 174 10.93 -31.67 9.20
CA PHE A 174 11.40 -31.02 10.43
C PHE A 174 10.55 -31.32 11.65
N TYR A 175 9.23 -31.44 11.50
CA TYR A 175 8.38 -31.76 12.65
C TYR A 175 8.47 -33.22 13.12
N LYS A 176 9.33 -34.03 12.52
CA LYS A 176 9.70 -35.32 13.09
C LYS A 176 10.98 -35.16 13.91
N GLN A 177 10.81 -34.37 15.00
CA GLN A 177 11.82 -34.19 16.07
C GLN A 177 11.14 -33.36 17.18
N ASN B 17 -11.94 -11.82 5.67
CA ASN B 17 -10.69 -12.61 5.32
C ASN B 17 -10.48 -12.81 3.80
N LEU B 18 -9.71 -11.94 3.17
CA LEU B 18 -9.56 -12.00 1.70
C LEU B 18 -8.57 -13.07 1.23
N TYR B 19 -8.80 -13.53 0.00
CA TYR B 19 -8.04 -14.59 -0.65
C TYR B 19 -7.01 -13.90 -1.54
N PHE B 20 -5.78 -14.45 -1.55
CA PHE B 20 -4.67 -13.89 -2.35
C PHE B 20 -4.37 -14.84 -3.53
N GLN B 21 -4.19 -14.29 -4.71
CA GLN B 21 -3.91 -15.10 -5.88
C GLN B 21 -2.50 -15.64 -5.81
N SER B 22 -2.34 -16.94 -6.04
CA SER B 22 -1.04 -17.63 -6.00
C SER B 22 -0.28 -17.25 -7.23
N MET B 23 0.96 -17.73 -7.34
CA MET B 23 1.76 -17.52 -8.56
C MET B 23 1.12 -18.16 -9.82
N GLU B 24 0.56 -19.36 -9.66
CA GLU B 24 -0.09 -20.11 -10.76
C GLU B 24 -1.34 -19.42 -11.23
N GLU B 25 -2.10 -18.91 -10.28
CA GLU B 25 -3.31 -18.19 -10.60
C GLU B 25 -3.01 -16.89 -11.40
N THR B 26 -1.87 -16.26 -11.10
CA THR B 26 -1.40 -15.02 -11.75
C THR B 26 -1.10 -15.34 -13.19
N GLU B 27 -0.32 -16.39 -13.41
CA GLU B 27 -0.05 -16.88 -14.76
C GLU B 27 -1.33 -17.17 -15.51
N LYS B 28 -2.31 -17.72 -14.83
CA LYS B 28 -3.59 -18.02 -15.46
C LYS B 28 -4.29 -16.72 -15.88
N TRP B 29 -4.31 -15.71 -15.04
CA TRP B 29 -4.97 -14.44 -15.39
C TRP B 29 -4.26 -13.66 -16.53
N MET B 30 -2.92 -13.70 -16.52
CA MET B 30 -2.11 -13.12 -17.59
C MET B 30 -2.26 -13.87 -18.94
N GLU B 31 -2.58 -15.16 -18.88
CA GLU B 31 -2.95 -15.90 -20.06
C GLU B 31 -4.23 -15.29 -20.64
N GLU B 32 -5.21 -15.01 -19.80
CA GLU B 32 -6.49 -14.46 -20.27
C GLU B 32 -6.34 -13.02 -20.78
N ALA B 33 -5.45 -12.24 -20.20
CA ALA B 33 -5.21 -10.87 -20.68
C ALA B 33 -4.55 -10.93 -22.06
N MET B 34 -3.74 -11.95 -22.29
CA MET B 34 -3.10 -12.13 -23.57
C MET B 34 -4.10 -12.51 -24.66
N HIS B 35 -5.03 -13.38 -24.35
CA HIS B 35 -6.06 -13.70 -25.30
C HIS B 35 -6.82 -12.44 -25.66
N MET B 36 -7.11 -11.59 -24.67
CA MET B 36 -7.86 -10.35 -24.91
C MET B 36 -7.07 -9.37 -25.76
N ALA B 37 -5.76 -9.32 -25.51
CA ALA B 37 -4.85 -8.50 -26.31
C ALA B 37 -4.80 -9.01 -27.77
N LYS B 38 -4.94 -10.31 -28.01
CA LYS B 38 -5.11 -10.80 -29.38
C LYS B 38 -6.42 -10.28 -29.95
N GLU B 39 -7.51 -10.32 -29.17
CA GLU B 39 -8.80 -9.83 -29.64
C GLU B 39 -8.75 -8.36 -30.05
N ALA B 40 -8.02 -7.53 -29.29
CA ALA B 40 -7.82 -6.10 -29.61
C ALA B 40 -7.08 -5.90 -30.94
N LEU B 41 -6.03 -6.68 -31.15
CA LEU B 41 -5.24 -6.63 -32.38
C LEU B 41 -6.12 -6.80 -33.59
N GLU B 42 -7.02 -7.76 -33.51
CA GLU B 42 -7.86 -8.10 -34.65
C GLU B 42 -9.04 -7.19 -34.83
N ASN B 43 -9.32 -6.36 -33.83
CA ASN B 43 -10.24 -5.24 -34.01
C ASN B 43 -9.59 -3.92 -34.36
N THR B 44 -8.37 -3.97 -34.88
CA THR B 44 -7.60 -2.76 -35.19
C THR B 44 -7.40 -1.83 -33.97
N GLU B 45 -7.42 -2.38 -32.76
CA GLU B 45 -7.14 -1.60 -31.56
C GLU B 45 -5.71 -1.90 -31.15
N VAL B 46 -5.16 -1.06 -30.27
CA VAL B 46 -3.86 -1.35 -29.69
C VAL B 46 -3.98 -2.65 -28.85
N PRO B 47 -3.12 -3.66 -29.12
CA PRO B 47 -3.18 -4.95 -28.38
C PRO B 47 -2.84 -4.84 -26.91
N VAL B 48 -3.84 -4.39 -26.15
CA VAL B 48 -3.77 -4.35 -24.71
C VAL B 48 -5.04 -4.95 -24.12
N GLY B 49 -4.90 -5.98 -23.31
CA GLY B 49 -6.01 -6.53 -22.52
C GLY B 49 -5.67 -6.57 -21.02
N CYS B 50 -6.71 -6.51 -20.18
CA CYS B 50 -6.51 -6.60 -18.76
C CYS B 50 -7.70 -7.11 -17.95
N LEU B 51 -7.37 -7.57 -16.75
CA LEU B 51 -8.31 -8.13 -15.78
C LEU B 51 -8.06 -7.56 -14.40
N MET B 52 -9.14 -7.41 -13.63
CA MET B 52 -9.04 -7.01 -12.24
C MET B 52 -9.70 -8.06 -11.33
N VAL B 53 -8.89 -8.66 -10.43
CA VAL B 53 -9.36 -9.77 -9.56
C VAL B 53 -9.47 -9.29 -8.10
N TYR B 54 -10.59 -9.57 -7.45
CA TYR B 54 -10.81 -9.20 -6.04
C TYR B 54 -11.36 -10.41 -5.34
N ASN B 55 -10.78 -10.83 -4.24
CA ASN B 55 -11.32 -11.97 -3.48
C ASN B 55 -11.70 -13.17 -4.37
N ASN B 56 -10.76 -13.55 -5.24
CA ASN B 56 -10.90 -14.70 -6.13
C ASN B 56 -12.01 -14.67 -7.14
N GLU B 57 -12.39 -13.48 -7.56
CA GLU B 57 -13.42 -13.26 -8.54
C GLU B 57 -12.99 -12.18 -9.56
N VAL B 58 -13.31 -12.40 -10.84
CA VAL B 58 -12.98 -11.42 -11.86
C VAL B 58 -14.03 -10.35 -11.79
N VAL B 59 -13.58 -9.14 -11.45
CA VAL B 59 -14.44 -8.03 -11.08
C VAL B 59 -14.49 -6.93 -12.16
N GLY B 60 -13.63 -7.07 -13.18
CA GLY B 60 -13.56 -6.18 -14.34
C GLY B 60 -12.57 -6.72 -15.40
N LYS B 61 -12.96 -6.64 -16.67
CA LYS B 61 -12.09 -6.93 -17.82
C LYS B 61 -12.01 -5.67 -18.69
N GLY B 62 -11.11 -5.69 -19.67
CA GLY B 62 -11.04 -4.55 -20.57
C GLY B 62 -10.03 -4.69 -21.69
N ARG B 63 -10.45 -4.35 -22.92
CA ARG B 63 -9.53 -4.08 -24.02
C ARG B 63 -9.59 -2.60 -24.41
N ASN B 64 -8.64 -2.17 -25.24
CA ASN B 64 -8.64 -0.83 -25.79
C ASN B 64 -9.84 -0.68 -26.74
N GLU B 65 -10.57 0.40 -26.57
CA GLU B 65 -11.69 0.72 -27.41
C GLU B 65 -11.53 2.12 -28.02
N VAL B 66 -10.29 2.62 -28.09
CA VAL B 66 -10.03 3.95 -28.63
C VAL B 66 -10.61 4.12 -30.04
N ASN B 67 -10.37 3.17 -30.93
CA ASN B 67 -10.92 3.24 -32.30
C ASN B 67 -12.43 2.98 -32.35
N GLN B 68 -12.91 1.99 -31.60
CA GLN B 68 -14.34 1.72 -31.49
C GLN B 68 -15.08 2.91 -30.94
N THR B 69 -14.72 3.35 -29.76
CA THR B 69 -15.44 4.45 -29.13
C THR B 69 -15.16 5.84 -29.75
N LYS B 70 -14.04 5.96 -30.48
CA LYS B 70 -13.43 7.25 -30.88
C LYS B 70 -13.10 8.20 -29.70
N ASN B 71 -12.61 7.60 -28.61
CA ASN B 71 -12.29 8.32 -27.40
C ASN B 71 -10.88 7.87 -26.98
N ALA B 72 -9.94 8.82 -27.10
CA ALA B 72 -8.52 8.58 -26.88
C ALA B 72 -8.21 8.09 -25.47
N THR B 73 -9.06 8.42 -24.50
CA THR B 73 -8.87 7.95 -23.09
C THR B 73 -9.33 6.50 -22.72
N ARG B 74 -10.00 5.78 -23.60
CA ARG B 74 -10.54 4.45 -23.27
C ARG B 74 -9.54 3.28 -23.52
N HIS B 75 -8.47 3.33 -22.73
CA HIS B 75 -7.44 2.31 -22.65
C HIS B 75 -7.96 1.13 -21.81
N ALA B 76 -7.41 -0.05 -22.06
CA ALA B 76 -7.88 -1.28 -21.43
C ALA B 76 -8.16 -1.04 -19.95
N GLU B 77 -7.23 -0.36 -19.28
CA GLU B 77 -7.35 -0.09 -17.85
C GLU B 77 -8.62 0.70 -17.49
N MET B 78 -8.92 1.76 -18.24
CA MET B 78 -10.08 2.60 -17.96
C MET B 78 -11.34 1.86 -18.23
N VAL B 79 -11.35 1.01 -19.24
CA VAL B 79 -12.50 0.16 -19.53
C VAL B 79 -12.75 -0.78 -18.33
N ALA B 80 -11.67 -1.32 -17.75
CA ALA B 80 -11.74 -2.25 -16.62
C ALA B 80 -12.26 -1.57 -15.34
N ILE B 81 -11.77 -0.37 -15.06
CA ILE B 81 -12.16 0.37 -13.89
C ILE B 81 -13.65 0.65 -13.90
N ASP B 82 -14.22 0.81 -15.08
CA ASP B 82 -15.64 1.12 -15.15
C ASP B 82 -16.45 -0.12 -14.79
N GLN B 83 -15.95 -1.28 -15.17
CA GLN B 83 -16.61 -2.56 -14.90
C GLN B 83 -16.57 -2.92 -13.43
N VAL B 84 -15.44 -2.60 -12.77
CA VAL B 84 -15.31 -2.82 -11.34
C VAL B 84 -16.27 -1.95 -10.55
N LEU B 85 -16.36 -0.68 -10.91
CA LEU B 85 -17.38 0.19 -10.35
C LEU B 85 -18.78 -0.37 -10.57
N ASP B 86 -19.01 -0.93 -11.73
CA ASP B 86 -20.31 -1.50 -12.05
C ASP B 86 -20.61 -2.72 -11.20
N TRP B 87 -19.55 -3.46 -10.91
CA TRP B 87 -19.63 -4.60 -10.04
C TRP B 87 -19.98 -4.19 -8.61
N CYS B 88 -19.39 -3.09 -8.16
CA CYS B 88 -19.63 -2.61 -6.81
C CYS B 88 -21.08 -2.24 -6.65
N ARG B 89 -21.59 -1.60 -7.68
CA ARG B 89 -22.96 -1.09 -7.73
C ARG B 89 -24.00 -2.16 -7.40
N GLN B 90 -23.71 -3.36 -7.89
CA GLN B 90 -24.59 -4.51 -7.80
C GLN B 90 -24.26 -5.42 -6.62
N SER B 91 -23.13 -5.15 -5.95
CA SER B 91 -22.67 -5.96 -4.82
C SER B 91 -22.98 -5.32 -3.47
N GLY B 92 -23.35 -4.04 -3.46
CA GLY B 92 -23.44 -3.28 -2.19
C GLY B 92 -22.05 -2.91 -1.61
N LYS B 93 -20.99 -3.48 -2.19
CA LYS B 93 -19.61 -3.17 -1.80
C LYS B 93 -19.27 -1.73 -2.20
N SER B 94 -18.46 -1.05 -1.37
CA SER B 94 -17.93 0.26 -1.74
C SER B 94 -16.68 0.13 -2.61
N PRO B 95 -16.49 1.06 -3.56
CA PRO B 95 -15.30 1.03 -4.42
C PRO B 95 -13.98 1.06 -3.63
N SER B 96 -13.89 1.92 -2.62
CA SER B 96 -12.70 2.00 -1.77
C SER B 96 -12.38 0.62 -1.21
N GLU B 97 -13.40 -0.01 -0.64
CA GLU B 97 -13.28 -1.35 -0.10
C GLU B 97 -12.74 -2.38 -1.12
N VAL B 98 -13.20 -2.30 -2.37
CA VAL B 98 -12.86 -3.26 -3.43
C VAL B 98 -11.51 -2.98 -4.09
N PHE B 99 -11.38 -1.80 -4.67
CA PHE B 99 -10.16 -1.38 -5.37
C PHE B 99 -8.92 -1.51 -4.50
N GLU B 100 -9.02 -1.24 -3.20
CA GLU B 100 -7.85 -1.35 -2.31
C GLU B 100 -7.27 -2.77 -2.12
N HIS B 101 -8.06 -3.79 -2.50
CA HIS B 101 -7.67 -5.18 -2.40
C HIS B 101 -7.77 -5.89 -3.75
N THR B 102 -7.71 -5.13 -4.84
CA THR B 102 -7.84 -5.68 -6.21
C THR B 102 -6.49 -5.76 -6.88
N VAL B 103 -6.26 -6.81 -7.65
CA VAL B 103 -5.01 -6.90 -8.45
C VAL B 103 -5.32 -6.74 -9.94
N LEU B 104 -4.53 -5.89 -10.63
CA LEU B 104 -4.68 -5.69 -12.09
C LEU B 104 -3.61 -6.46 -12.84
N TYR B 105 -4.01 -7.18 -13.88
CA TYR B 105 -3.09 -7.94 -14.72
C TYR B 105 -3.22 -7.31 -16.12
N VAL B 106 -2.14 -6.82 -16.72
CA VAL B 106 -2.20 -6.13 -18.03
C VAL B 106 -1.03 -6.51 -18.93
N THR B 107 -1.24 -6.48 -20.25
CA THR B 107 -0.25 -6.90 -21.23
C THR B 107 0.90 -5.93 -21.38
N VAL B 108 0.60 -4.64 -21.24
CA VAL B 108 1.60 -3.58 -21.40
C VAL B 108 1.62 -2.66 -20.18
N GLU B 109 2.82 -2.25 -19.78
CA GLU B 109 2.98 -1.26 -18.75
C GLU B 109 1.90 -0.17 -18.90
N PRO B 110 1.10 0.09 -17.86
CA PRO B 110 0.21 1.24 -17.90
C PRO B 110 0.88 2.53 -18.28
N CYS B 111 0.19 3.34 -19.08
CA CYS B 111 0.74 4.64 -19.45
C CYS B 111 0.63 5.64 -18.31
N ILE B 112 1.22 6.81 -18.51
CA ILE B 112 1.22 7.86 -17.50
C ILE B 112 -0.17 8.23 -17.03
N MET B 113 -1.15 8.10 -17.91
CA MET B 113 -2.51 8.50 -17.60
C MET B 113 -3.14 7.44 -16.70
N CYS B 114 -2.93 6.18 -17.08
CA CYS B 114 -3.54 5.07 -16.38
C CYS B 114 -2.85 4.80 -15.06
N ALA B 115 -1.53 4.79 -15.10
CA ALA B 115 -0.75 4.73 -13.88
C ALA B 115 -1.17 5.79 -12.86
N ALA B 116 -1.50 7.01 -13.30
CA ALA B 116 -1.96 8.06 -12.36
C ALA B 116 -3.37 7.75 -11.86
N ALA B 117 -4.23 7.24 -12.75
CA ALA B 117 -5.55 6.73 -12.36
C ALA B 117 -5.48 5.64 -11.26
N LEU B 118 -4.63 4.64 -11.49
CA LEU B 118 -4.46 3.57 -10.54
C LEU B 118 -4.04 4.07 -9.15
N ARG B 119 -3.18 5.09 -9.07
CA ARG B 119 -2.83 5.68 -7.78
C ARG B 119 -4.02 6.31 -7.07
N LEU B 120 -4.84 7.02 -7.85
CA LEU B 120 -6.00 7.68 -7.33
C LEU B 120 -7.07 6.68 -6.89
N MET B 121 -7.21 5.60 -7.64
CA MET B 121 -8.08 4.48 -7.24
C MET B 121 -7.53 3.62 -6.06
N LYS B 122 -6.20 3.65 -5.85
CA LYS B 122 -5.53 2.90 -4.77
C LYS B 122 -5.44 1.39 -5.01
N ILE B 123 -5.23 1.00 -6.25
CA ILE B 123 -4.94 -0.40 -6.51
C ILE B 123 -3.52 -0.66 -6.02
N PRO B 124 -3.33 -1.65 -5.17
CA PRO B 124 -2.02 -1.94 -4.64
C PRO B 124 -1.05 -2.71 -5.53
N LEU B 125 -1.50 -3.59 -6.40
CA LEU B 125 -0.56 -4.39 -7.14
C LEU B 125 -1.00 -4.49 -8.59
N VAL B 126 -0.02 -4.37 -9.47
CA VAL B 126 -0.22 -4.48 -10.91
C VAL B 126 0.77 -5.54 -11.45
N VAL B 127 0.29 -6.60 -12.14
CA VAL B 127 1.21 -7.50 -12.86
C VAL B 127 1.13 -7.21 -14.33
N TYR B 128 2.27 -6.98 -15.01
CA TYR B 128 2.26 -6.63 -16.44
C TYR B 128 3.38 -7.32 -17.27
N GLY B 129 3.22 -7.27 -18.58
CA GLY B 129 4.12 -7.93 -19.50
C GLY B 129 5.26 -7.03 -19.94
N CYS B 130 5.13 -6.47 -21.14
CA CYS B 130 6.19 -5.69 -21.71
C CYS B 130 6.13 -4.22 -21.31
N GLN B 131 7.24 -3.55 -21.61
CA GLN B 131 7.47 -2.16 -21.31
C GLN B 131 6.72 -1.29 -22.31
N ASN B 132 6.23 -0.15 -21.82
CA ASN B 132 5.59 0.86 -22.63
C ASN B 132 6.60 2.00 -22.97
N GLU B 133 7.39 1.80 -24.00
CA GLU B 133 8.44 2.77 -24.34
C GLU B 133 7.94 4.16 -24.75
N ARG B 134 6.73 4.26 -25.31
CA ARG B 134 6.22 5.56 -25.71
C ARG B 134 5.74 6.41 -24.56
N PHE B 135 4.99 5.81 -23.63
CA PHE B 135 4.25 6.61 -22.66
C PHE B 135 4.01 5.91 -21.31
N GLY B 136 4.86 4.94 -20.97
CA GLY B 136 4.70 4.16 -19.73
C GLY B 136 4.98 4.91 -18.43
N GLY B 137 4.11 4.67 -17.44
CA GLY B 137 4.20 5.33 -16.12
C GLY B 137 4.65 4.46 -14.95
N CYS B 138 5.36 3.37 -15.25
CA CYS B 138 6.01 2.56 -14.21
C CYS B 138 7.52 2.47 -14.32
N GLY B 139 8.16 3.41 -15.00
CA GLY B 139 9.61 3.45 -15.10
C GLY B 139 10.17 3.80 -16.47
N SER B 140 9.43 3.48 -17.52
CA SER B 140 9.90 3.69 -18.89
C SER B 140 10.08 5.17 -19.17
N VAL B 141 8.99 5.93 -19.18
CA VAL B 141 9.09 7.39 -19.35
C VAL B 141 9.10 8.10 -17.99
N LEU B 142 8.23 7.68 -17.08
CA LEU B 142 8.15 8.20 -15.71
C LEU B 142 7.71 7.05 -14.81
N ASN B 143 7.96 7.19 -13.51
CA ASN B 143 7.46 6.25 -12.51
C ASN B 143 6.47 6.91 -11.56
N ILE B 144 5.26 7.08 -12.04
CA ILE B 144 4.14 7.57 -11.24
C ILE B 144 3.79 6.51 -10.17
N ALA B 145 4.02 5.24 -10.52
CA ALA B 145 3.81 4.10 -9.62
C ALA B 145 4.43 4.24 -8.23
N SER B 146 5.75 4.44 -8.19
CA SER B 146 6.51 4.49 -6.93
C SER B 146 6.81 5.91 -6.44
N ALA B 147 6.33 6.91 -7.17
CA ALA B 147 6.57 8.32 -6.83
C ALA B 147 6.13 8.71 -5.42
N ASP B 148 6.94 9.56 -4.80
CA ASP B 148 6.66 10.06 -3.45
C ASP B 148 5.73 11.30 -3.50
N LEU B 149 4.44 11.05 -3.41
CA LEU B 149 3.44 12.13 -3.47
C LEU B 149 2.49 11.92 -2.31
N PRO B 150 2.66 12.72 -1.27
CA PRO B 150 2.06 12.47 0.04
C PRO B 150 0.53 12.40 0.04
N ASN B 151 -0.11 13.33 -0.68
CA ASN B 151 -1.54 13.54 -0.53
C ASN B 151 -2.35 13.17 -1.77
N THR B 152 -1.80 12.30 -2.60
CA THR B 152 -2.44 11.98 -3.83
C THR B 152 -2.40 10.50 -4.04
N GLY B 153 -3.51 9.87 -3.71
CA GLY B 153 -3.61 8.44 -3.83
C GLY B 153 -2.56 7.71 -3.04
N ARG B 154 -2.23 6.49 -3.47
CA ARG B 154 -1.18 5.70 -2.84
C ARG B 154 -0.26 5.11 -3.90
N PRO B 155 1.02 4.95 -3.54
CA PRO B 155 1.96 4.28 -4.42
C PRO B 155 1.59 2.82 -4.56
N PHE B 156 1.96 2.20 -5.67
CA PHE B 156 1.68 0.79 -5.86
C PHE B 156 2.87 0.04 -6.37
N GLN B 157 2.75 -1.26 -6.29
CA GLN B 157 3.81 -2.12 -6.65
C GLN B 157 3.52 -2.77 -8.02
N CYS B 158 4.57 -3.06 -8.77
CA CYS B 158 4.52 -3.76 -10.05
C CYS B 158 5.36 -5.00 -10.04
N ILE B 159 4.93 -5.95 -10.83
CA ILE B 159 5.76 -7.09 -11.18
C ILE B 159 5.78 -7.14 -12.72
N PRO B 160 6.75 -6.49 -13.36
CA PRO B 160 6.84 -6.58 -14.79
C PRO B 160 7.38 -7.93 -15.36
N GLY B 161 7.26 -8.08 -16.66
CA GLY B 161 8.06 -9.04 -17.42
C GLY B 161 7.36 -10.32 -17.81
N TYR B 162 6.05 -10.42 -17.54
CA TYR B 162 5.37 -11.70 -17.72
C TYR B 162 4.97 -11.86 -19.20
N ARG B 163 5.63 -12.79 -19.88
CA ARG B 163 5.50 -13.00 -21.31
C ARG B 163 5.71 -11.69 -22.10
N ALA B 164 6.76 -10.96 -21.75
CA ALA B 164 7.05 -9.65 -22.32
C ALA B 164 7.34 -9.76 -23.81
N GLU B 165 8.06 -10.83 -24.20
CA GLU B 165 8.42 -11.06 -25.61
C GLU B 165 7.17 -11.04 -26.51
N GLU B 166 6.21 -11.88 -26.21
CA GLU B 166 4.97 -11.94 -26.97
C GLU B 166 4.25 -10.60 -27.00
N ALA B 167 3.95 -10.06 -25.81
CA ALA B 167 3.28 -8.75 -25.67
C ALA B 167 3.92 -7.69 -26.56
N VAL B 168 5.25 -7.61 -26.54
CA VAL B 168 5.98 -6.69 -27.41
C VAL B 168 5.87 -7.08 -28.90
N GLU B 169 5.87 -8.36 -29.20
CA GLU B 169 5.73 -8.79 -30.59
C GLU B 169 4.36 -8.34 -31.13
N MET B 170 3.35 -8.26 -30.26
CA MET B 170 2.03 -7.84 -30.70
C MET B 170 2.03 -6.35 -30.91
N LEU B 171 2.68 -5.60 -30.04
CA LEU B 171 2.74 -4.16 -30.21
C LEU B 171 3.52 -3.75 -31.44
N LYS B 172 4.62 -4.44 -31.70
CA LYS B 172 5.50 -4.10 -32.81
C LYS B 172 4.76 -4.27 -34.10
N THR B 173 4.10 -5.42 -34.22
CA THR B 173 3.27 -5.73 -35.39
C THR B 173 2.17 -4.69 -35.58
N PHE B 174 1.52 -4.28 -34.49
CA PHE B 174 0.45 -3.27 -34.54
C PHE B 174 0.87 -1.89 -35.07
N TYR B 175 2.10 -1.47 -34.80
CA TYR B 175 2.55 -0.21 -35.33
C TYR B 175 3.01 -0.42 -36.76
N LYS B 176 2.09 -0.84 -37.63
CA LYS B 176 2.32 -0.98 -39.09
C LYS B 176 0.98 -1.11 -39.82
N ASN C 17 -14.64 27.37 -41.19
CA ASN C 17 -14.21 28.70 -40.66
C ASN C 17 -14.58 28.81 -39.18
N LEU C 18 -13.68 28.42 -38.31
CA LEU C 18 -13.97 28.39 -36.86
C LEU C 18 -13.74 29.74 -36.17
N TYR C 19 -14.55 30.01 -35.13
CA TYR C 19 -14.53 31.28 -34.40
C TYR C 19 -13.55 31.15 -33.26
N PHE C 20 -12.82 32.21 -32.92
CA PHE C 20 -11.83 32.16 -31.79
C PHE C 20 -12.29 33.06 -30.68
N GLN C 21 -12.29 32.54 -29.46
CA GLN C 21 -12.63 33.36 -28.31
C GLN C 21 -11.66 34.51 -28.09
N SER C 22 -12.25 35.66 -27.84
CA SER C 22 -11.51 36.85 -27.52
C SER C 22 -11.02 36.75 -26.11
N MET C 23 -10.20 37.74 -25.74
CA MET C 23 -9.67 37.87 -24.39
C MET C 23 -10.78 38.09 -23.35
N GLU C 24 -11.74 38.94 -23.68
CA GLU C 24 -12.88 39.22 -22.81
C GLU C 24 -13.78 38.03 -22.74
N GLU C 25 -13.93 37.33 -23.86
CA GLU C 25 -14.81 36.17 -23.86
C GLU C 25 -14.25 35.07 -22.96
N THR C 26 -12.91 34.96 -22.95
CA THR C 26 -12.18 34.02 -22.11
C THR C 26 -12.47 34.29 -20.63
N GLU C 27 -12.33 35.57 -20.26
CA GLU C 27 -12.70 36.07 -18.93
C GLU C 27 -14.12 35.65 -18.56
N LYS C 28 -15.03 35.86 -19.48
CA LYS C 28 -16.40 35.48 -19.27
C LYS C 28 -16.51 33.97 -19.01
N TRP C 29 -15.75 33.15 -19.74
CA TRP C 29 -15.72 31.69 -19.49
C TRP C 29 -15.10 31.31 -18.16
N MET C 30 -13.98 31.94 -17.82
CA MET C 30 -13.33 31.66 -16.54
C MET C 30 -14.22 32.02 -15.35
N GLU C 31 -14.92 33.15 -15.43
CA GLU C 31 -15.91 33.54 -14.42
C GLU C 31 -16.88 32.42 -14.15
N GLU C 32 -17.46 31.90 -15.23
CA GLU C 32 -18.44 30.82 -15.13
C GLU C 32 -17.82 29.53 -14.54
N ALA C 33 -16.54 29.26 -14.84
CA ALA C 33 -15.85 28.11 -14.27
C ALA C 33 -15.59 28.30 -12.78
N MET C 34 -15.51 29.56 -12.34
CA MET C 34 -15.38 29.90 -10.93
C MET C 34 -16.70 29.74 -10.16
N HIS C 35 -17.81 30.01 -10.83
CA HIS C 35 -19.11 29.81 -10.22
C HIS C 35 -19.31 28.32 -10.02
N MET C 36 -18.96 27.56 -11.04
CA MET C 36 -19.00 26.11 -10.95
C MET C 36 -18.09 25.55 -9.85
N ALA C 37 -16.91 26.14 -9.68
CA ALA C 37 -16.02 25.80 -8.57
C ALA C 37 -16.65 26.11 -7.19
N LYS C 38 -17.32 27.25 -7.05
CA LYS C 38 -18.06 27.55 -5.80
C LYS C 38 -19.08 26.46 -5.49
N GLU C 39 -19.72 25.95 -6.54
CA GLU C 39 -20.71 24.89 -6.42
C GLU C 39 -20.09 23.58 -5.91
N ALA C 40 -18.98 23.16 -6.54
CA ALA C 40 -18.22 21.98 -6.11
C ALA C 40 -17.82 22.12 -4.63
N LEU C 41 -17.35 23.32 -4.25
CA LEU C 41 -17.02 23.60 -2.84
C LEU C 41 -18.15 23.26 -1.85
N GLU C 42 -19.38 23.70 -2.14
CA GLU C 42 -20.51 23.53 -1.21
C GLU C 42 -21.21 22.17 -1.27
N ASN C 43 -20.77 21.30 -2.19
CA ASN C 43 -21.15 19.89 -2.24
C ASN C 43 -20.05 18.96 -1.68
N THR C 44 -19.17 19.48 -0.82
CA THR C 44 -18.04 18.69 -0.31
C THR C 44 -17.11 18.07 -1.40
N GLU C 45 -17.06 18.68 -2.59
CA GLU C 45 -16.16 18.22 -3.64
C GLU C 45 -14.95 19.15 -3.72
N VAL C 46 -13.87 18.69 -4.36
CA VAL C 46 -12.75 19.57 -4.64
C VAL C 46 -13.32 20.66 -5.53
N PRO C 47 -13.04 21.94 -5.21
CA PRO C 47 -13.62 23.04 -5.99
C PRO C 47 -12.86 23.26 -7.29
N VAL C 48 -13.26 22.50 -8.30
CA VAL C 48 -12.70 22.58 -9.62
C VAL C 48 -13.86 22.59 -10.61
N GLY C 49 -13.98 23.71 -11.33
CA GLY C 49 -15.00 23.87 -12.37
C GLY C 49 -14.33 24.12 -13.72
N CYS C 50 -14.94 23.61 -14.77
CA CYS C 50 -14.40 23.81 -16.10
C CYS C 50 -15.42 23.73 -17.22
N LEU C 51 -15.10 24.46 -18.30
CA LEU C 51 -15.90 24.58 -19.50
C LEU C 51 -15.06 24.25 -20.71
N MET C 52 -15.72 23.83 -21.78
CA MET C 52 -15.01 23.53 -22.99
C MET C 52 -15.75 24.19 -24.15
N VAL C 53 -15.09 25.09 -24.87
CA VAL C 53 -15.77 25.89 -25.90
C VAL C 53 -15.26 25.55 -27.31
N TYR C 54 -16.21 25.37 -28.24
CA TYR C 54 -15.90 25.02 -29.65
C TYR C 54 -16.76 25.85 -30.58
N ASN C 55 -16.11 26.62 -31.44
CA ASN C 55 -16.81 27.46 -32.38
C ASN C 55 -17.91 28.24 -31.67
N ASN C 56 -17.52 28.97 -30.62
CA ASN C 56 -18.42 29.86 -29.87
C ASN C 56 -19.63 29.16 -29.25
N GLU C 57 -19.46 27.89 -28.90
CA GLU C 57 -20.49 27.13 -28.20
C GLU C 57 -19.87 26.39 -27.00
N VAL C 58 -20.57 26.43 -25.86
CA VAL C 58 -20.17 25.67 -24.68
C VAL C 58 -20.55 24.22 -24.92
N VAL C 59 -19.54 23.41 -25.20
CA VAL C 59 -19.75 22.08 -25.66
C VAL C 59 -19.49 21.01 -24.56
N GLY C 60 -19.04 21.44 -23.38
CA GLY C 60 -18.86 20.54 -22.25
C GLY C 60 -18.61 21.32 -20.96
N LYS C 61 -19.21 20.84 -19.86
CA LYS C 61 -19.08 21.43 -18.52
C LYS C 61 -18.73 20.33 -17.54
N GLY C 62 -18.14 20.70 -16.40
CA GLY C 62 -17.94 19.69 -15.37
C GLY C 62 -17.36 20.22 -14.09
N ARG C 63 -17.84 19.68 -12.97
CA ARG C 63 -17.20 19.81 -11.69
C ARG C 63 -16.56 18.47 -11.32
N ASN C 64 -15.60 18.50 -10.39
CA ASN C 64 -15.20 17.26 -9.69
C ASN C 64 -16.44 16.55 -9.08
N GLU C 65 -16.55 15.23 -9.30
CA GLU C 65 -17.67 14.40 -8.78
C GLU C 65 -17.18 13.15 -8.03
N VAL C 66 -15.93 13.19 -7.54
CA VAL C 66 -15.30 12.04 -6.90
C VAL C 66 -16.09 11.53 -5.71
N ASN C 67 -16.64 12.44 -4.90
CA ASN C 67 -17.51 12.08 -3.75
C ASN C 67 -18.89 11.57 -4.10
N GLN C 68 -19.57 12.34 -4.94
CA GLN C 68 -20.90 11.96 -5.42
C GLN C 68 -20.83 10.58 -6.07
N THR C 69 -19.84 10.39 -6.92
CA THR C 69 -19.71 9.18 -7.72
C THR C 69 -18.89 8.04 -7.04
N LYS C 70 -18.10 8.39 -6.02
CA LYS C 70 -17.14 7.48 -5.37
C LYS C 70 -16.23 6.77 -6.37
N ASN C 71 -15.80 7.58 -7.35
CA ASN C 71 -14.92 7.19 -8.44
C ASN C 71 -13.82 8.26 -8.51
N ALA C 72 -12.60 7.86 -8.17
CA ALA C 72 -11.50 8.81 -7.99
C ALA C 72 -10.99 9.47 -9.30
N THR C 73 -11.44 8.99 -10.46
CA THR C 73 -11.07 9.59 -11.76
C THR C 73 -11.99 10.70 -12.29
N ARG C 74 -13.14 10.93 -11.66
CA ARG C 74 -14.07 11.90 -12.19
C ARG C 74 -13.79 13.31 -11.71
N HIS C 75 -12.70 13.83 -12.24
CA HIS C 75 -12.31 15.22 -12.11
C HIS C 75 -13.08 16.11 -13.07
N ALA C 76 -13.24 17.38 -12.69
CA ALA C 76 -13.97 18.36 -13.53
C ALA C 76 -13.69 18.14 -15.01
N GLU C 77 -12.42 17.98 -15.34
CA GLU C 77 -11.93 17.81 -16.70
C GLU C 77 -12.49 16.56 -17.36
N MET C 78 -12.55 15.47 -16.62
CA MET C 78 -13.02 14.20 -17.21
C MET C 78 -14.54 14.16 -17.39
N VAL C 79 -15.28 14.86 -16.52
CA VAL C 79 -16.73 15.08 -16.67
C VAL C 79 -17.06 15.85 -17.95
N ALA C 80 -16.27 16.90 -18.19
CA ALA C 80 -16.38 17.69 -19.41
C ALA C 80 -16.19 16.85 -20.69
N ILE C 81 -15.05 16.15 -20.80
CA ILE C 81 -14.76 15.34 -22.01
C ILE C 81 -15.93 14.41 -22.38
N ASP C 82 -16.53 13.81 -21.37
CA ASP C 82 -17.70 12.96 -21.57
C ASP C 82 -18.86 13.78 -22.14
N GLN C 83 -19.09 14.97 -21.60
CA GLN C 83 -20.13 15.86 -22.13
C GLN C 83 -19.85 16.24 -23.58
N VAL C 84 -18.58 16.49 -23.88
CA VAL C 84 -18.19 16.82 -25.25
C VAL C 84 -18.36 15.63 -26.16
N LEU C 85 -17.90 14.45 -25.78
CA LEU C 85 -18.14 13.24 -26.60
C LEU C 85 -19.63 13.03 -26.89
N ASP C 86 -20.47 13.43 -25.94
CA ASP C 86 -21.91 13.25 -26.06
C ASP C 86 -22.51 14.25 -27.04
N TRP C 87 -22.00 15.47 -26.97
CA TRP C 87 -22.31 16.53 -27.94
C TRP C 87 -21.98 16.12 -29.40
N CYS C 88 -20.79 15.53 -29.61
CA CYS C 88 -20.44 14.97 -30.92
C CYS C 88 -21.46 13.97 -31.46
N ARG C 89 -21.94 13.05 -30.62
CA ARG C 89 -22.94 12.04 -31.03
C ARG C 89 -24.12 12.70 -31.66
N GLN C 90 -24.58 13.77 -31.01
CA GLN C 90 -25.83 14.42 -31.34
C GLN C 90 -25.70 15.50 -32.39
N SER C 91 -24.52 16.15 -32.47
CA SER C 91 -24.31 17.15 -33.53
C SER C 91 -23.81 16.52 -34.83
N GLY C 92 -23.48 15.23 -34.78
CA GLY C 92 -23.00 14.50 -35.95
C GLY C 92 -21.52 14.70 -36.24
N LYS C 93 -20.88 15.57 -35.47
CA LYS C 93 -19.48 15.93 -35.72
C LYS C 93 -18.64 14.81 -35.18
N SER C 94 -17.39 14.66 -35.63
CA SER C 94 -16.53 13.60 -35.06
C SER C 94 -15.71 14.17 -33.90
N PRO C 95 -15.35 13.33 -32.92
CA PRO C 95 -14.59 13.81 -31.74
C PRO C 95 -13.24 14.45 -32.05
N SER C 96 -12.46 13.84 -32.92
CA SER C 96 -11.17 14.42 -33.31
C SER C 96 -11.35 15.77 -33.99
N GLU C 97 -12.27 15.86 -34.94
CA GLU C 97 -12.63 17.14 -35.53
C GLU C 97 -12.90 18.23 -34.45
N VAL C 98 -13.55 17.85 -33.34
CA VAL C 98 -14.01 18.84 -32.36
C VAL C 98 -12.98 19.13 -31.33
N PHE C 99 -12.49 18.09 -30.68
CA PHE C 99 -11.52 18.30 -29.62
C PHE C 99 -10.29 19.04 -30.09
N GLU C 100 -9.82 18.73 -31.29
CA GLU C 100 -8.69 19.43 -31.85
C GLU C 100 -8.81 20.96 -31.96
N HIS C 101 -10.03 21.50 -31.99
CA HIS C 101 -10.24 22.97 -32.00
C HIS C 101 -11.08 23.47 -30.81
N THR C 102 -10.86 22.89 -29.64
CA THR C 102 -11.61 23.22 -28.42
C THR C 102 -10.65 23.83 -27.38
N VAL C 103 -11.05 24.93 -26.75
CA VAL C 103 -10.27 25.53 -25.66
C VAL C 103 -10.93 25.09 -24.36
N LEU C 104 -10.12 24.77 -23.35
CA LEU C 104 -10.60 24.37 -22.03
C LEU C 104 -10.27 25.46 -21.03
N TYR C 105 -11.24 25.78 -20.17
CA TYR C 105 -11.10 26.82 -19.15
C TYR C 105 -11.26 26.12 -17.79
N VAL C 106 -10.21 26.09 -16.97
CA VAL C 106 -10.27 25.39 -15.64
C VAL C 106 -9.77 26.24 -14.50
N THR C 107 -10.38 26.05 -13.32
CA THR C 107 -10.00 26.80 -12.13
C THR C 107 -8.63 26.41 -11.58
N VAL C 108 -8.27 25.14 -11.66
CA VAL C 108 -6.99 24.65 -11.17
C VAL C 108 -6.24 23.96 -12.27
N GLU C 109 -4.94 24.15 -12.29
CA GLU C 109 -4.03 23.37 -13.12
C GLU C 109 -4.45 21.91 -13.11
N PRO C 110 -4.60 21.32 -14.30
CA PRO C 110 -4.83 19.90 -14.42
C PRO C 110 -3.75 19.04 -13.77
N CYS C 111 -4.17 17.94 -13.17
CA CYS C 111 -3.24 17.00 -12.60
C CYS C 111 -2.49 16.21 -13.68
N ILE C 112 -1.56 15.36 -13.25
CA ILE C 112 -0.77 14.59 -14.19
C ILE C 112 -1.68 13.73 -15.03
N MET C 113 -2.74 13.25 -14.43
CA MET C 113 -3.68 12.34 -15.11
C MET C 113 -4.51 13.05 -16.15
N CYS C 114 -5.10 14.16 -15.75
CA CYS C 114 -5.88 15.00 -16.64
C CYS C 114 -5.03 15.59 -17.76
N ALA C 115 -3.93 16.24 -17.41
CA ALA C 115 -2.94 16.65 -18.39
C ALA C 115 -2.60 15.55 -19.42
N ALA C 116 -2.50 14.29 -19.01
CA ALA C 116 -2.17 13.24 -19.99
C ALA C 116 -3.37 12.88 -20.89
N ALA C 117 -4.58 12.97 -20.35
CA ALA C 117 -5.78 12.77 -21.12
C ALA C 117 -5.82 13.80 -22.23
N LEU C 118 -5.64 15.07 -21.86
CA LEU C 118 -5.78 16.15 -22.79
C LEU C 118 -4.83 16.06 -23.97
N ARG C 119 -3.61 15.59 -23.74
CA ARG C 119 -2.70 15.26 -24.83
C ARG C 119 -3.26 14.19 -25.75
N LEU C 120 -3.80 13.14 -25.18
CA LEU C 120 -4.34 12.09 -26.00
C LEU C 120 -5.56 12.56 -26.81
N MET C 121 -6.34 13.48 -26.23
CA MET C 121 -7.48 14.12 -26.92
C MET C 121 -7.07 15.27 -27.92
N LYS C 122 -5.87 15.81 -27.76
CA LYS C 122 -5.31 16.86 -28.59
C LYS C 122 -6.04 18.18 -28.49
N ILE C 123 -6.63 18.49 -27.33
CA ILE C 123 -7.01 19.87 -27.03
C ILE C 123 -5.74 20.70 -27.19
N PRO C 124 -5.77 21.77 -28.01
CA PRO C 124 -4.63 22.67 -28.20
C PRO C 124 -4.37 23.74 -27.10
N LEU C 125 -5.41 24.25 -26.45
CA LEU C 125 -5.24 25.37 -25.51
C LEU C 125 -5.97 25.14 -24.19
N VAL C 126 -5.28 25.29 -23.06
CA VAL C 126 -5.91 25.30 -21.75
C VAL C 126 -5.66 26.65 -21.07
N VAL C 127 -6.71 27.34 -20.66
CA VAL C 127 -6.58 28.52 -19.81
C VAL C 127 -6.98 28.10 -18.41
N TYR C 128 -6.12 28.41 -17.43
CA TYR C 128 -6.37 28.00 -16.05
C TYR C 128 -5.99 29.01 -14.97
N GLY C 129 -6.39 28.71 -13.74
CA GLY C 129 -6.25 29.62 -12.60
C GLY C 129 -5.00 29.39 -11.77
N CYS C 130 -5.19 28.86 -10.56
CA CYS C 130 -4.07 28.65 -9.66
C CYS C 130 -3.33 27.36 -10.00
N GLN C 131 -2.15 27.26 -9.43
CA GLN C 131 -1.27 26.11 -9.60
C GLN C 131 -1.80 24.89 -8.80
N ASN C 132 -1.42 23.70 -9.23
CA ASN C 132 -1.80 22.46 -8.59
C ASN C 132 -0.51 21.89 -8.03
N GLU C 133 -0.14 22.40 -6.85
CA GLU C 133 1.15 22.04 -6.22
C GLU C 133 1.30 20.57 -5.85
N ARG C 134 0.17 19.91 -5.56
CA ARG C 134 0.18 18.51 -5.18
C ARG C 134 0.44 17.58 -6.36
N PHE C 135 -0.25 17.83 -7.48
CA PHE C 135 -0.29 16.86 -8.58
C PHE C 135 -0.39 17.43 -10.00
N GLY C 136 -0.03 18.71 -10.15
CA GLY C 136 -0.16 19.38 -11.44
C GLY C 136 0.72 18.79 -12.54
N GLY C 137 0.14 18.69 -13.74
CA GLY C 137 0.86 18.20 -14.93
C GLY C 137 1.19 19.26 -15.99
N CYS C 138 1.25 20.53 -15.58
CA CYS C 138 1.62 21.64 -16.48
C CYS C 138 2.90 22.41 -16.10
N GLY C 139 3.67 21.87 -15.18
CA GLY C 139 4.87 22.53 -14.70
C GLY C 139 5.17 22.38 -13.21
N SER C 140 4.12 22.22 -12.40
CA SER C 140 4.25 22.18 -10.93
C SER C 140 4.97 20.94 -10.45
N VAL C 141 4.37 19.78 -10.67
CA VAL C 141 5.04 18.51 -10.34
C VAL C 141 5.76 17.99 -11.58
N LEU C 142 5.03 17.91 -12.68
CA LEU C 142 5.57 17.52 -13.98
C LEU C 142 5.00 18.43 -15.04
N ASN C 143 5.62 18.44 -16.22
CA ASN C 143 5.04 19.17 -17.34
C ASN C 143 4.72 18.25 -18.51
N ILE C 144 3.58 17.58 -18.39
CA ILE C 144 3.06 16.74 -19.45
C ILE C 144 2.63 17.57 -20.65
N ALA C 145 2.11 18.77 -20.38
CA ALA C 145 1.58 19.68 -21.39
C ALA C 145 2.58 19.93 -22.56
N SER C 146 3.84 20.16 -22.20
CA SER C 146 4.86 20.55 -23.19
C SER C 146 5.93 19.50 -23.48
N ALA C 147 5.73 18.29 -22.98
CA ALA C 147 6.76 17.26 -23.03
C ALA C 147 6.97 16.77 -24.45
N ASP C 148 8.25 16.63 -24.83
CA ASP C 148 8.62 16.04 -26.11
C ASP C 148 8.34 14.52 -26.17
N LEU C 149 7.15 14.17 -26.63
CA LEU C 149 6.69 12.78 -26.72
C LEU C 149 6.16 12.54 -28.14
N PRO C 150 7.00 11.97 -29.02
CA PRO C 150 6.68 12.04 -30.46
C PRO C 150 5.36 11.34 -30.89
N ASN C 151 5.08 10.16 -30.33
CA ASN C 151 3.97 9.32 -30.82
C ASN C 151 2.81 9.15 -29.83
N THR C 152 2.58 10.13 -28.97
CA THR C 152 1.52 10.01 -28.00
C THR C 152 0.84 11.35 -27.79
N GLY C 153 -0.22 11.57 -28.53
CA GLY C 153 -0.92 12.86 -28.52
C GLY C 153 -0.13 14.03 -29.08
N ARG C 154 -0.68 15.23 -28.90
CA ARG C 154 -0.01 16.46 -29.26
C ARG C 154 0.27 17.21 -27.99
N PRO C 155 1.35 18.00 -27.96
CA PRO C 155 1.54 18.84 -26.76
C PRO C 155 0.55 20.01 -26.85
N PHE C 156 0.28 20.65 -25.72
CA PHE C 156 -0.64 21.80 -25.73
C PHE C 156 -0.13 23.02 -24.99
N GLN C 157 -0.81 24.12 -25.18
CA GLN C 157 -0.38 25.40 -24.69
C GLN C 157 -1.29 25.81 -23.52
N CYS C 158 -0.69 26.50 -22.53
CA CYS C 158 -1.37 26.95 -21.29
C CYS C 158 -1.30 28.44 -21.08
N ILE C 159 -2.32 29.00 -20.44
CA ILE C 159 -2.29 30.40 -20.03
C ILE C 159 -2.70 30.37 -18.60
N PRO C 160 -1.73 30.18 -17.71
CA PRO C 160 -2.01 30.13 -16.27
C PRO C 160 -2.41 31.46 -15.64
N GLY C 161 -2.87 31.38 -14.39
CA GLY C 161 -2.83 32.51 -13.47
C GLY C 161 -4.06 33.37 -13.41
N TYR C 162 -4.97 33.19 -14.36
CA TYR C 162 -6.13 34.07 -14.42
C TYR C 162 -6.98 33.90 -13.17
N ARG C 163 -7.05 34.95 -12.34
CA ARG C 163 -7.69 34.92 -11.01
C ARG C 163 -7.15 33.81 -10.07
N ALA C 164 -5.84 33.62 -10.07
CA ALA C 164 -5.23 32.56 -9.30
C ALA C 164 -5.48 32.72 -7.79
N GLU C 165 -5.39 33.95 -7.28
CA GLU C 165 -5.56 34.21 -5.84
C GLU C 165 -6.87 33.62 -5.26
N GLU C 166 -7.99 33.88 -5.92
CA GLU C 166 -9.27 33.30 -5.49
C GLU C 166 -9.28 31.80 -5.68
N ALA C 167 -8.86 31.34 -6.86
CA ALA C 167 -8.80 29.91 -7.14
C ALA C 167 -8.11 29.16 -5.99
N VAL C 168 -6.97 29.63 -5.54
CA VAL C 168 -6.23 28.98 -4.47
C VAL C 168 -6.85 29.16 -3.03
N GLU C 169 -7.55 30.27 -2.82
CA GLU C 169 -8.25 30.49 -1.55
C GLU C 169 -9.30 29.39 -1.30
N MET C 170 -10.06 29.07 -2.36
CA MET C 170 -11.02 27.99 -2.33
C MET C 170 -10.34 26.64 -2.05
N LEU C 171 -9.25 26.35 -2.76
CA LEU C 171 -8.55 25.07 -2.57
C LEU C 171 -8.06 24.96 -1.14
N LYS C 172 -7.44 26.03 -0.66
CA LYS C 172 -6.96 26.08 0.72
C LYS C 172 -8.07 25.84 1.73
N THR C 173 -9.20 26.51 1.53
CA THR C 173 -10.31 26.38 2.46
C THR C 173 -10.86 24.95 2.42
N PHE C 174 -10.92 24.37 1.23
CA PHE C 174 -11.37 22.98 1.06
C PHE C 174 -10.54 21.94 1.82
N TYR C 175 -9.20 22.06 1.81
CA TYR C 175 -8.38 21.12 2.58
C TYR C 175 -8.44 21.40 4.11
N LYS C 176 -9.65 21.34 4.70
CA LYS C 176 -9.82 21.42 6.16
C LYS C 176 -11.15 20.80 6.60
N ASN D 17 12.99 -23.04 44.44
CA ASN D 17 11.89 -22.39 45.22
C ASN D 17 11.70 -20.88 44.87
N LEU D 18 10.90 -20.61 43.83
CA LEU D 18 10.71 -19.21 43.36
C LEU D 18 9.71 -18.36 44.18
N TYR D 19 9.92 -17.05 44.12
CA TYR D 19 9.20 -16.10 44.92
C TYR D 19 8.11 -15.48 44.06
N PHE D 20 6.91 -15.37 44.65
CA PHE D 20 5.71 -14.84 43.96
C PHE D 20 5.34 -13.44 44.49
N GLN D 21 5.27 -12.46 43.58
CA GLN D 21 5.01 -11.07 43.97
C GLN D 21 3.60 -10.90 44.51
N SER D 22 3.50 -10.26 45.67
CA SER D 22 2.23 -10.02 46.32
C SER D 22 1.47 -8.98 45.54
N MET D 23 0.23 -8.74 45.96
CA MET D 23 -0.61 -7.68 45.39
C MET D 23 0.01 -6.26 45.49
N GLU D 24 0.50 -5.90 46.67
CA GLU D 24 1.11 -4.58 46.91
C GLU D 24 2.38 -4.40 46.09
N GLU D 25 3.14 -5.49 45.92
CA GLU D 25 4.34 -5.44 45.09
C GLU D 25 3.99 -5.24 43.60
N THR D 26 2.85 -5.79 43.20
CA THR D 26 2.33 -5.62 41.83
C THR D 26 1.99 -4.16 41.58
N GLU D 27 1.25 -3.56 42.52
CA GLU D 27 0.85 -2.17 42.44
C GLU D 27 2.09 -1.31 42.37
N LYS D 28 3.10 -1.75 43.10
CA LYS D 28 4.39 -1.08 43.10
C LYS D 28 5.05 -1.18 41.73
N TRP D 29 5.03 -2.36 41.09
CA TRP D 29 5.61 -2.49 39.76
C TRP D 29 4.85 -1.69 38.70
N MET D 30 3.53 -1.74 38.76
CA MET D 30 2.69 -0.98 37.84
C MET D 30 2.88 0.55 38.02
N GLU D 31 3.17 1.00 39.25
CA GLU D 31 3.57 2.40 39.49
C GLU D 31 4.84 2.79 38.70
N GLU D 32 5.85 1.94 38.78
CA GLU D 32 7.10 2.16 38.04
C GLU D 32 6.92 2.10 36.52
N ALA D 33 5.97 1.30 36.05
CA ALA D 33 5.71 1.22 34.60
C ALA D 33 5.05 2.50 34.12
N MET D 34 4.16 3.05 34.95
CA MET D 34 3.49 4.33 34.67
C MET D 34 4.45 5.51 34.57
N HIS D 35 5.44 5.54 35.46
CA HIS D 35 6.49 6.54 35.41
C HIS D 35 7.25 6.39 34.10
N MET D 36 7.46 5.15 33.65
CA MET D 36 8.13 4.94 32.37
C MET D 36 7.27 5.37 31.17
N ALA D 37 5.97 5.07 31.24
CA ALA D 37 5.00 5.64 30.30
C ALA D 37 5.07 7.18 30.24
N LYS D 38 5.16 7.84 31.40
CA LYS D 38 5.30 9.30 31.42
C LYS D 38 6.59 9.79 30.73
N GLU D 39 7.69 9.08 30.97
CA GLU D 39 8.96 9.39 30.32
C GLU D 39 8.87 9.23 28.79
N ALA D 40 8.26 8.13 28.34
CA ALA D 40 8.03 7.91 26.90
C ALA D 40 7.17 9.02 26.27
N LEU D 41 6.10 9.42 26.94
CA LEU D 41 5.22 10.49 26.46
C LEU D 41 6.05 11.73 26.16
N GLU D 42 6.93 12.06 27.09
CA GLU D 42 7.75 13.23 26.96
C GLU D 42 8.87 13.13 25.94
N ASN D 43 9.30 11.91 25.59
CA ASN D 43 10.25 11.74 24.48
C ASN D 43 9.56 11.56 23.14
N THR D 44 8.28 11.94 23.07
CA THR D 44 7.50 11.88 21.84
C THR D 44 7.26 10.44 21.36
N GLU D 45 7.32 9.50 22.29
CA GLU D 45 6.98 8.11 22.01
C GLU D 45 5.55 7.81 22.46
N VAL D 46 5.00 6.70 21.99
CA VAL D 46 3.72 6.22 22.52
C VAL D 46 3.90 5.90 24.01
N PRO D 47 3.02 6.43 24.88
CA PRO D 47 3.14 6.24 26.34
C PRO D 47 2.85 4.83 26.77
N VAL D 48 3.88 3.99 26.66
CA VAL D 48 3.86 2.60 27.08
C VAL D 48 5.17 2.28 27.80
N GLY D 49 5.06 1.91 29.06
CA GLY D 49 6.22 1.46 29.85
C GLY D 49 5.92 0.11 30.47
N CYS D 50 6.96 -0.72 30.59
CA CYS D 50 6.77 -2.07 31.09
C CYS D 50 7.99 -2.61 31.83
N LEU D 51 7.71 -3.60 32.69
CA LEU D 51 8.66 -4.23 33.59
C LEU D 51 8.49 -5.74 33.58
N MET D 52 9.59 -6.47 33.71
CA MET D 52 9.52 -7.92 33.82
C MET D 52 10.25 -8.39 35.07
N VAL D 53 9.52 -8.96 36.03
CA VAL D 53 10.07 -9.40 37.32
C VAL D 53 10.21 -10.93 37.39
N TYR D 54 11.37 -11.41 37.79
CA TYR D 54 11.64 -12.86 37.95
C TYR D 54 12.24 -13.08 39.31
N ASN D 55 11.72 -14.04 40.05
CA ASN D 55 12.31 -14.36 41.35
C ASN D 55 12.65 -13.08 42.16
N ASN D 56 11.68 -12.19 42.24
CA ASN D 56 11.81 -10.93 42.99
C ASN D 56 12.91 -10.00 42.53
N GLU D 57 13.38 -10.16 41.30
CA GLU D 57 14.37 -9.23 40.74
C GLU D 57 13.80 -8.63 39.43
N VAL D 58 14.03 -7.33 39.22
CA VAL D 58 13.61 -6.65 37.98
C VAL D 58 14.62 -7.04 36.91
N VAL D 59 14.17 -7.81 35.95
CA VAL D 59 15.02 -8.50 35.01
C VAL D 59 14.95 -7.90 33.59
N GLY D 60 13.97 -7.01 33.36
CA GLY D 60 13.82 -6.27 32.10
C GLY D 60 12.91 -5.05 32.26
N LYS D 61 13.32 -3.92 31.69
CA LYS D 61 12.51 -2.71 31.61
C LYS D 61 12.40 -2.35 30.14
N GLY D 62 11.46 -1.48 29.80
CA GLY D 62 11.34 -1.00 28.40
C GLY D 62 10.30 0.09 28.20
N ARG D 63 10.65 1.08 27.40
CA ARG D 63 9.65 2.01 26.85
C ARG D 63 9.56 1.79 25.34
N ASN D 64 8.50 2.31 24.72
CA ASN D 64 8.43 2.41 23.27
C ASN D 64 9.60 3.25 22.77
N GLU D 65 10.34 2.73 21.79
CA GLU D 65 11.47 3.46 21.21
C GLU D 65 11.34 3.61 19.69
N VAL D 66 10.10 3.53 19.18
CA VAL D 66 9.85 3.43 17.75
C VAL D 66 10.34 4.67 17.05
N ASN D 67 10.10 5.83 17.62
CA ASN D 67 10.53 7.08 17.00
C ASN D 67 12.03 7.34 17.08
N GLN D 68 12.59 7.14 18.28
CA GLN D 68 14.03 7.18 18.48
C GLN D 68 14.78 6.26 17.54
N THR D 69 14.42 4.99 17.61
CA THR D 69 15.10 3.94 16.88
C THR D 69 14.74 3.92 15.38
N LYS D 70 13.60 4.54 15.05
CA LYS D 70 12.98 4.44 13.71
C LYS D 70 12.70 3.00 13.27
N ASN D 71 12.30 2.17 14.20
CA ASN D 71 11.99 0.79 13.96
C ASN D 71 10.66 0.45 14.68
N ALA D 72 9.66 0.16 13.85
CA ALA D 72 8.27 0.08 14.26
C ALA D 72 7.99 -1.13 15.12
N THR D 73 8.84 -2.16 15.08
CA THR D 73 8.73 -3.30 15.98
C THR D 73 9.12 -3.02 17.45
N ARG D 74 9.83 -1.93 17.73
CA ARG D 74 10.39 -1.74 19.08
C ARG D 74 9.43 -1.13 20.09
N HIS D 75 8.40 -1.92 20.41
CA HIS D 75 7.41 -1.59 21.43
C HIS D 75 7.98 -1.89 22.80
N ALA D 76 7.42 -1.24 23.84
CA ALA D 76 7.92 -1.42 25.22
C ALA D 76 8.23 -2.88 25.51
N GLU D 77 7.34 -3.77 25.07
CA GLU D 77 7.45 -5.19 25.41
C GLU D 77 8.67 -5.82 24.75
N MET D 78 8.99 -5.43 23.52
CA MET D 78 10.11 -6.03 22.79
C MET D 78 11.46 -5.62 23.37
N VAL D 79 11.50 -4.35 23.78
CA VAL D 79 12.69 -3.76 24.37
C VAL D 79 13.01 -4.54 25.66
N ALA D 80 11.94 -4.86 26.40
CA ALA D 80 12.02 -5.65 27.64
C ALA D 80 12.63 -7.05 27.40
N ILE D 81 12.08 -7.76 26.44
CA ILE D 81 12.51 -9.13 26.13
C ILE D 81 14.02 -9.20 25.86
N ASP D 82 14.55 -8.16 25.21
CA ASP D 82 15.95 -8.13 24.91
C ASP D 82 16.81 -7.98 26.20
N GLN D 83 16.32 -7.12 27.10
CA GLN D 83 16.96 -6.89 28.39
C GLN D 83 16.96 -8.16 29.22
N VAL D 84 15.85 -8.88 29.22
CA VAL D 84 15.81 -10.16 29.92
C VAL D 84 16.79 -11.22 29.32
N LEU D 85 16.88 -11.24 27.99
CA LEU D 85 17.79 -12.12 27.27
C LEU D 85 19.22 -11.78 27.63
N ASP D 86 19.47 -10.48 27.76
CA ASP D 86 20.74 -9.97 28.20
C ASP D 86 20.99 -10.38 29.64
N TRP D 87 19.95 -10.29 30.47
CA TRP D 87 20.05 -10.75 31.85
C TRP D 87 20.45 -12.23 31.92
N CYS D 88 19.85 -13.07 31.09
CA CYS D 88 20.17 -14.51 31.13
C CYS D 88 21.59 -14.76 30.76
N ARG D 89 22.03 -14.06 29.73
CA ARG D 89 23.38 -14.13 29.23
C ARG D 89 24.37 -14.03 30.37
N GLN D 90 24.16 -13.03 31.22
CA GLN D 90 25.08 -12.66 32.30
C GLN D 90 24.88 -13.45 33.60
N SER D 91 23.64 -13.90 33.88
CA SER D 91 23.43 -14.74 35.08
C SER D 91 23.79 -16.23 34.87
N GLY D 92 24.03 -16.61 33.60
CA GLY D 92 24.24 -18.02 33.21
C GLY D 92 22.94 -18.82 33.13
N LYS D 93 21.80 -18.20 33.48
CA LYS D 93 20.51 -18.89 33.45
C LYS D 93 20.08 -19.05 32.00
N SER D 94 19.26 -20.05 31.70
CA SER D 94 18.67 -20.22 30.36
C SER D 94 17.38 -19.40 30.24
N PRO D 95 17.10 -18.85 29.04
CA PRO D 95 15.86 -18.13 28.77
C PRO D 95 14.56 -18.87 29.07
N SER D 96 14.42 -20.12 28.65
CA SER D 96 13.23 -20.92 28.98
C SER D 96 12.96 -20.97 30.50
N GLU D 97 14.02 -21.28 31.24
CA GLU D 97 13.99 -21.27 32.68
C GLU D 97 13.45 -19.93 33.23
N VAL D 98 13.86 -18.81 32.64
CA VAL D 98 13.52 -17.48 33.18
C VAL D 98 12.15 -16.96 32.76
N PHE D 99 11.94 -16.88 31.45
CA PHE D 99 10.69 -16.38 30.88
C PHE D 99 9.48 -17.17 31.38
N GLU D 100 9.60 -18.48 31.56
CA GLU D 100 8.46 -19.29 32.00
C GLU D 100 7.95 -18.93 33.38
N HIS D 101 8.77 -18.21 34.16
CA HIS D 101 8.40 -17.81 35.51
C HIS D 101 8.46 -16.31 35.67
N THR D 102 8.15 -15.55 34.63
CA THR D 102 8.33 -14.10 34.67
C THR D 102 7.01 -13.39 34.55
N VAL D 103 6.79 -12.34 35.34
CA VAL D 103 5.57 -11.56 35.20
C VAL D 103 5.81 -10.21 34.51
N LEU D 104 4.93 -9.89 33.54
CA LEU D 104 5.01 -8.63 32.80
C LEU D 104 4.00 -7.62 33.32
N TYR D 105 4.48 -6.42 33.61
CA TYR D 105 3.66 -5.30 34.08
C TYR D 105 3.78 -4.22 33.00
N VAL D 106 2.71 -4.01 32.23
CA VAL D 106 2.69 -3.04 31.10
C VAL D 106 1.54 -2.03 31.27
N THR D 107 1.73 -0.80 30.80
CA THR D 107 0.70 0.23 30.87
C THR D 107 -0.52 0.03 29.93
N VAL D 108 -0.31 -0.65 28.79
CA VAL D 108 -1.38 -0.84 27.81
C VAL D 108 -1.44 -2.30 27.38
N GLU D 109 -2.63 -2.81 27.15
CA GLU D 109 -2.78 -4.10 26.54
C GLU D 109 -1.74 -4.30 25.42
N PRO D 110 -0.94 -5.36 25.51
CA PRO D 110 -0.06 -5.73 24.40
C PRO D 110 -0.77 -5.87 23.07
N CYS D 111 -0.21 -5.31 22.03
CA CYS D 111 -0.81 -5.45 20.72
C CYS D 111 -0.61 -6.88 20.16
N ILE D 112 -1.22 -7.14 19.00
CA ILE D 112 -1.23 -8.48 18.42
C ILE D 112 0.17 -9.03 18.21
N MET D 113 1.10 -8.16 17.86
CA MET D 113 2.46 -8.58 17.63
C MET D 113 3.08 -8.99 18.98
N CYS D 114 3.00 -8.11 19.97
CA CYS D 114 3.56 -8.38 21.26
C CYS D 114 2.88 -9.55 21.92
N ALA D 115 1.56 -9.59 21.93
CA ALA D 115 0.85 -10.77 22.44
C ALA D 115 1.29 -12.06 21.77
N ALA D 116 1.53 -12.07 20.46
CA ALA D 116 1.95 -13.32 19.80
C ALA D 116 3.39 -13.69 20.22
N ALA D 117 4.20 -12.66 20.41
CA ALA D 117 5.55 -12.82 20.94
C ALA D 117 5.58 -13.37 22.38
N LEU D 118 4.74 -12.83 23.27
CA LEU D 118 4.72 -13.32 24.64
C LEU D 118 4.29 -14.81 24.77
N ARG D 119 3.25 -15.24 24.03
CA ARG D 119 2.97 -16.68 23.85
C ARG D 119 4.22 -17.51 23.49
N LEU D 120 4.96 -17.03 22.49
CA LEU D 120 6.10 -17.78 21.99
C LEU D 120 7.23 -17.86 23.07
N MET D 121 7.44 -16.77 23.82
CA MET D 121 8.39 -16.76 24.93
C MET D 121 7.84 -17.47 26.16
N LYS D 122 6.54 -17.76 26.19
CA LYS D 122 5.89 -18.49 27.31
C LYS D 122 5.85 -17.78 28.68
N ILE D 123 5.78 -16.45 28.68
CA ILE D 123 5.47 -15.72 29.90
C ILE D 123 4.09 -16.12 30.35
N PRO D 124 3.93 -16.61 31.57
CA PRO D 124 2.65 -17.00 32.07
C PRO D 124 1.68 -15.89 32.49
N LEU D 125 2.15 -14.73 32.90
CA LEU D 125 1.23 -13.78 33.47
C LEU D 125 1.59 -12.36 33.07
N VAL D 126 0.55 -11.59 32.73
CA VAL D 126 0.67 -10.22 32.28
C VAL D 126 -0.31 -9.34 33.04
N VAL D 127 0.21 -8.32 33.70
CA VAL D 127 -0.65 -7.36 34.36
C VAL D 127 -0.58 -6.06 33.59
N TYR D 128 -1.73 -5.64 33.03
CA TYR D 128 -1.79 -4.42 32.25
C TYR D 128 -2.87 -3.42 32.71
N GLY D 129 -2.80 -2.22 32.13
CA GLY D 129 -3.63 -1.10 32.55
C GLY D 129 -4.87 -0.98 31.69
N CYS D 130 -4.77 -0.20 30.62
CA CYS D 130 -5.92 0.12 29.79
C CYS D 130 -5.94 -0.75 28.54
N GLN D 131 -7.11 -0.78 27.91
CA GLN D 131 -7.39 -1.56 26.70
C GLN D 131 -6.66 -0.90 25.51
N ASN D 132 -6.26 -1.73 24.55
CA ASN D 132 -5.61 -1.29 23.32
C ASN D 132 -6.62 -1.42 22.17
N GLU D 133 -7.45 -0.37 22.02
CA GLU D 133 -8.55 -0.38 21.09
C GLU D 133 -8.12 -0.54 19.61
N ARG D 134 -6.96 -0.02 19.26
CA ARG D 134 -6.48 -0.10 17.90
C ARG D 134 -6.01 -1.48 17.48
N PHE D 135 -5.24 -2.14 18.33
CA PHE D 135 -4.52 -3.33 17.92
C PHE D 135 -4.25 -4.33 19.05
N GLY D 136 -5.02 -4.26 20.13
CA GLY D 136 -4.77 -5.04 21.34
C GLY D 136 -5.02 -6.50 21.16
N GLY D 137 -4.09 -7.35 21.61
CA GLY D 137 -4.16 -8.80 21.42
C GLY D 137 -4.52 -9.67 22.64
N CYS D 138 -5.26 -9.10 23.59
CA CYS D 138 -5.78 -9.83 24.75
C CYS D 138 -7.28 -9.76 24.86
N GLY D 139 -7.98 -9.46 23.75
CA GLY D 139 -9.43 -9.44 23.74
C GLY D 139 -9.99 -8.26 22.98
N SER D 140 -9.30 -7.14 23.01
CA SER D 140 -9.77 -5.91 22.35
C SER D 140 -10.03 -6.06 20.86
N VAL D 141 -9.00 -6.36 20.08
CA VAL D 141 -9.19 -6.68 18.65
C VAL D 141 -9.09 -8.21 18.41
N LEU D 142 -8.10 -8.85 19.03
CA LEU D 142 -8.00 -10.31 19.04
C LEU D 142 -7.61 -10.78 20.44
N ASN D 143 -7.89 -12.06 20.71
CA ASN D 143 -7.42 -12.66 21.93
C ASN D 143 -6.44 -13.76 21.59
N ILE D 144 -5.22 -13.33 21.32
CA ILE D 144 -4.12 -14.25 21.08
C ILE D 144 -3.69 -14.88 22.41
N ALA D 145 -3.91 -14.14 23.51
CA ALA D 145 -3.51 -14.57 24.84
C ALA D 145 -4.14 -15.94 25.25
N SER D 146 -5.42 -16.11 24.98
CA SER D 146 -6.11 -17.33 25.32
C SER D 146 -6.35 -18.27 24.12
N ALA D 147 -5.78 -17.98 22.96
CA ALA D 147 -6.15 -18.75 21.76
C ALA D 147 -5.81 -20.21 21.98
N ASP D 148 -6.73 -21.07 21.59
CA ASP D 148 -6.49 -22.51 21.59
C ASP D 148 -5.61 -22.84 20.38
N LEU D 149 -4.29 -22.75 20.57
CA LEU D 149 -3.34 -23.06 19.50
C LEU D 149 -2.35 -24.10 20.02
N PRO D 150 -2.54 -25.39 19.66
CA PRO D 150 -1.78 -26.47 20.34
C PRO D 150 -0.24 -26.35 20.26
N ASN D 151 0.31 -26.23 19.05
CA ASN D 151 1.77 -26.38 18.86
C ASN D 151 2.52 -25.04 18.74
N THR D 152 2.05 -24.00 19.42
CA THR D 152 2.77 -22.74 19.34
C THR D 152 2.69 -21.96 20.62
N GLY D 153 3.79 -21.88 21.34
CA GLY D 153 3.77 -21.22 22.62
C GLY D 153 2.76 -21.80 23.60
N ARG D 154 2.53 -21.08 24.68
CA ARG D 154 1.53 -21.44 25.67
C ARG D 154 0.60 -20.27 25.81
N PRO D 155 -0.66 -20.53 26.15
CA PRO D 155 -1.54 -19.36 26.44
C PRO D 155 -1.08 -18.68 27.72
N PHE D 156 -1.46 -17.43 27.93
CA PHE D 156 -1.15 -16.77 29.18
C PHE D 156 -2.34 -16.11 29.81
N GLN D 157 -2.13 -15.64 31.03
CA GLN D 157 -3.18 -15.08 31.82
C GLN D 157 -3.01 -13.58 31.90
N CYS D 158 -4.11 -12.86 31.97
CA CYS D 158 -4.09 -11.38 32.09
C CYS D 158 -4.87 -10.92 33.30
N ILE D 159 -4.33 -9.90 33.94
CA ILE D 159 -5.09 -9.13 34.93
C ILE D 159 -5.15 -7.67 34.45
N PRO D 160 -6.18 -7.34 33.66
CA PRO D 160 -6.31 -5.98 33.10
C PRO D 160 -6.83 -4.93 34.11
N GLY D 161 -6.77 -3.66 33.71
CA GLY D 161 -7.50 -2.57 34.36
C GLY D 161 -6.78 -1.74 35.41
N TYR D 162 -5.55 -2.10 35.77
CA TYR D 162 -4.90 -1.45 36.87
C TYR D 162 -4.51 -0.03 36.42
N ARG D 163 -5.15 0.98 37.01
CA ARG D 163 -4.99 2.41 36.66
C ARG D 163 -5.25 2.73 35.19
N ALA D 164 -6.28 2.09 34.62
CA ALA D 164 -6.65 2.24 33.21
C ALA D 164 -6.94 3.71 32.79
N GLU D 165 -7.62 4.44 33.67
CA GLU D 165 -8.03 5.83 33.42
C GLU D 165 -6.84 6.70 33.10
N GLU D 166 -5.82 6.66 33.95
CA GLU D 166 -4.59 7.39 33.72
C GLU D 166 -3.89 6.93 32.44
N ALA D 167 -3.63 5.64 32.34
CA ALA D 167 -3.02 5.08 31.12
C ALA D 167 -3.72 5.65 29.87
N VAL D 168 -5.04 5.44 29.77
CA VAL D 168 -5.78 5.85 28.58
C VAL D 168 -5.75 7.38 28.35
N GLU D 169 -5.73 8.16 29.44
CA GLU D 169 -5.62 9.63 29.36
C GLU D 169 -4.29 10.00 28.66
N MET D 170 -3.20 9.28 29.00
CA MET D 170 -1.88 9.49 28.36
C MET D 170 -1.97 9.13 26.89
N LEU D 171 -2.50 7.94 26.64
CA LEU D 171 -2.72 7.50 25.28
C LEU D 171 -3.48 8.53 24.46
N LYS D 172 -4.56 9.06 25.03
CA LYS D 172 -5.39 10.00 24.30
C LYS D 172 -4.69 11.30 23.96
N THR D 173 -3.95 11.84 24.93
CA THR D 173 -3.32 13.12 24.70
C THR D 173 -2.22 12.92 23.67
N PHE D 174 -1.54 11.77 23.73
CA PHE D 174 -0.52 11.43 22.72
C PHE D 174 -1.06 11.36 21.28
N TYR D 175 -2.22 10.71 21.10
CA TYR D 175 -2.83 10.65 19.77
C TYR D 175 -3.31 12.02 19.19
N LYS D 176 -3.11 13.13 19.92
CA LYS D 176 -3.30 14.47 19.35
C LYS D 176 -1.94 15.10 18.99
N GLN D 177 -1.53 14.91 17.74
CA GLN D 177 -0.23 15.38 17.22
C GLN D 177 0.08 14.63 15.91
#